data_3AEG
#
_entry.id   3AEG
#
_cell.length_a   71.862
_cell.length_b   83.874
_cell.length_c   294.862
_cell.angle_alpha   90.000
_cell.angle_beta   90.000
_cell.angle_gamma   90.000
#
_symmetry.space_group_name_H-M   'P 21 21 21'
#
loop_
_entity.id
_entity.type
_entity.pdbx_description
1 polymer 'Succinate dehydrogenase [ubiquinone] flavoprotein subunit, mitochondrial'
2 polymer 'Succinate dehydrogenase [ubiquinone] iron-sulfur subunit, mitochondrial'
3 polymer 'Succinate dehydrogenase cytochrome b560 subunit, mitochondrial'
4 polymer 'Succinate dehydrogenase [ubiquinone] cytochrome b small subunit, mitochondrial'
5 non-polymer 'FLAVIN-ADENINE DINUCLEOTIDE'
6 non-polymer 'FE2/S2 (INORGANIC) CLUSTER'
7 non-polymer 'IRON/SULFUR CLUSTER'
8 non-polymer 'FE3-S4 CLUSTER'
9 non-polymer 'PROTOPORPHYRIN IX CONTAINING FE'
10 non-polymer N-biphenyl-3-yl-2-iodobenzamide
#
loop_
_entity_poly.entity_id
_entity_poly.type
_entity_poly.pdbx_seq_one_letter_code
_entity_poly.pdbx_strand_id
1 'polypeptide(L)'
;SSAKVSDAISTQYPVVDHEFDAVVVGAGGAGLRAAFGLSEAGFNTACVTKLFPTRSHTVAAQGGINAALGNMEEDNWRWH
FYDTVKGSDWLGDQDAIHYMTEQAPASVVELENYGMPFSRTEDGKIYQRAFGGQSLKFGKGGQAHRCCCVADRTGHSLLH
TLYGRSLRYDTSYFVEYFALDLLMENGECRGVIALCIEDGSIHRIRARNTVVATGGYGRTYFSCTSAHTSTGDGTAMVTR
AGLPCQDLEFVQFHPTGIYGAGCLITEGCRGEGGILINSQGERFMERYAPVAKDLASRDVVSRSMTLEIREGRGCGPEKD
HVYLQLHHLPPEQLAVRLPGISETAMIFAGVDVTKEPIPVLPTVHYNMGGIPTNYKGQVLRHVNGQDQVVPGLYACGEAA
CASVHGANRLGANSLLDLVVFGRACALSIAESCRPGDKVPSIKPNAGEESVMNLDKLRFANGTIRTSELRLSMQKSMQSH
AAVFRVGSVLQEGCEKILRLYGDLQHLKTFDRGMVWNTDLVETLELQNLMLCALQTIYGAEARKESRGAHAREDFKERVD
EYDYSKPIQGQQKKPFQEHWRKHTLSYVDVKTGKVSLEYRPVIDKTLNEADCATVPPAIRSY
;
A
2 'polypeptide(L)'
;AQTAAATAPRIKKFAIYRWDPDKTGDKPHMQTYEIDLNNCGPMVLDALIKIKNEIDSTLTFRRSCREGICGSCAMNINGG
NTLACTRRIDTNLDKVSKIYPLPHMYVIKDLVPDLSNFYAQYKSIEPYLKKKDESQEGKQQYLQSIEEREKLDGLYECIL
CACCSTSCPSYWWNGDKYLGPAVLMQAYRWMIDSRDDFTEERLAKLQDPFSLYRCHTIMNCTGTCPKGLNPGKAIAEIKK
MMATYKEKKASA
;
B
3 'polypeptide(L)'
;LGTTAKEEMERFWNKNLGSNRPLSPHITIYRWSLPMAMSICHRGTGIALSAGVSLFGLSALLLPGNFESHLELVKSLCLG
PTLIYTAKFGIVFPLMYHTWNGIRHLIWDLGKGLTIPQLTQSGVVVLILTVLSSVGLAAM
;
C
4 'polypeptide(L)'
;ASSKAASLHWTGERVVSVLLLGLLPAAYLNPCSAMDYSLAAALTLHGHWGIGQVVTDYVRGDALQKAAKAGLLALSAFTF
AGLCYFNYHDVGICKAVAMLWKL
;
D
#
loop_
_chem_comp.id
_chem_comp.type
_chem_comp.name
_chem_comp.formula
11J non-polymer N-biphenyl-3-yl-2-iodobenzamide 'C19 H14 I N O'
F3S non-polymer 'FE3-S4 CLUSTER' 'Fe3 S4'
FAD non-polymer 'FLAVIN-ADENINE DINUCLEOTIDE' 'C27 H33 N9 O15 P2'
FES non-polymer 'FE2/S2 (INORGANIC) CLUSTER' 'Fe2 S2'
HEM non-polymer 'PROTOPORPHYRIN IX CONTAINING FE' 'C34 H32 Fe N4 O4'
SF4 non-polymer 'IRON/SULFUR CLUSTER' 'Fe4 S4'
#
# COMPACT_ATOMS: atom_id res chain seq x y z
N SER A 10 -10.85 -1.73 35.77
CA SER A 10 -10.55 -0.43 36.42
C SER A 10 -9.08 -0.35 36.85
N THR A 11 -8.33 0.52 36.17
CA THR A 11 -6.89 0.77 36.44
C THR A 11 -5.98 -0.47 36.51
N GLN A 12 -6.50 -1.61 36.07
CA GLN A 12 -5.68 -2.80 35.82
C GLN A 12 -4.99 -2.61 34.48
N TYR A 13 -5.80 -2.41 33.43
CA TYR A 13 -5.34 -1.90 32.16
C TYR A 13 -5.54 -0.39 32.17
N PRO A 14 -4.55 0.38 31.68
CA PRO A 14 -4.71 1.84 31.60
C PRO A 14 -5.82 2.23 30.62
N VAL A 15 -6.77 3.02 31.10
CA VAL A 15 -7.90 3.47 30.27
C VAL A 15 -7.81 4.95 29.92
N VAL A 16 -7.87 5.24 28.62
CA VAL A 16 -7.83 6.62 28.13
C VAL A 16 -9.16 6.95 27.45
N ASP A 17 -9.96 7.80 28.11
CA ASP A 17 -11.29 8.16 27.62
C ASP A 17 -11.24 9.34 26.63
N HIS A 18 -11.21 9.02 25.35
CA HIS A 18 -11.23 10.03 24.30
C HIS A 18 -12.67 10.50 24.04
N GLU A 19 -12.81 11.76 23.63
CA GLU A 19 -14.13 12.32 23.33
C GLU A 19 -14.14 13.00 21.97
N PHE A 20 -15.04 12.55 21.09
CA PHE A 20 -15.17 13.10 19.75
C PHE A 20 -16.63 13.31 19.36
N ASP A 21 -16.85 13.91 18.19
CA ASP A 21 -18.20 14.07 17.65
C ASP A 21 -18.65 12.79 16.94
N ALA A 22 -17.77 12.24 16.11
CA ALA A 22 -18.06 11.04 15.35
C ALA A 22 -16.81 10.17 15.18
N VAL A 23 -16.98 8.86 15.39
CA VAL A 23 -15.91 7.89 15.19
C VAL A 23 -16.22 7.07 13.94
N VAL A 24 -15.18 6.77 13.17
CA VAL A 24 -15.31 5.89 12.00
C VAL A 24 -14.33 4.73 12.14
N VAL A 25 -14.87 3.51 12.20
CA VAL A 25 -14.05 2.30 12.38
C VAL A 25 -13.72 1.69 11.03
N GLY A 26 -12.53 2.01 10.52
CA GLY A 26 -12.10 1.55 9.21
C GLY A 26 -11.49 2.68 8.39
N ALA A 27 -10.40 2.37 7.70
CA ALA A 27 -9.67 3.38 6.91
C ALA A 27 -9.63 3.06 5.41
N GLY A 28 -10.36 2.03 5.01
CA GLY A 28 -10.53 1.70 3.59
C GLY A 28 -11.37 2.74 2.89
N GLY A 29 -11.57 2.55 1.58
CA GLY A 29 -12.35 3.49 0.77
C GLY A 29 -13.60 4.05 1.43
N ALA A 30 -14.32 3.20 2.15
CA ALA A 30 -15.58 3.57 2.81
C ALA A 30 -15.34 4.40 4.05
N GLY A 31 -14.58 3.84 5.00
CA GLY A 31 -14.30 4.50 6.27
C GLY A 31 -13.53 5.80 6.12
N LEU A 32 -12.62 5.83 5.15
CA LEU A 32 -11.81 7.01 4.86
C LEU A 32 -12.66 8.14 4.30
N ARG A 33 -13.56 7.82 3.37
CA ARG A 33 -14.49 8.78 2.77
C ARG A 33 -15.49 9.29 3.81
N ALA A 34 -15.94 8.39 4.68
CA ALA A 34 -16.83 8.73 5.78
C ALA A 34 -16.12 9.61 6.81
N ALA A 35 -14.83 9.34 7.01
CA ALA A 35 -14.02 10.07 7.99
C ALA A 35 -13.81 11.54 7.60
N PHE A 36 -13.18 11.75 6.44
CA PHE A 36 -12.82 13.11 6.01
C PHE A 36 -14.02 13.93 5.53
N GLY A 37 -15.07 13.23 5.10
CA GLY A 37 -16.34 13.86 4.73
C GLY A 37 -17.01 14.55 5.92
N LEU A 38 -16.85 13.93 7.10
CA LEU A 38 -17.34 14.48 8.36
C LEU A 38 -16.54 15.73 8.76
N SER A 39 -15.22 15.64 8.64
CA SER A 39 -14.32 16.75 8.97
C SER A 39 -14.52 17.94 8.03
N GLU A 40 -14.79 17.66 6.75
CA GLU A 40 -15.05 18.69 5.74
C GLU A 40 -16.26 19.56 6.11
N ALA A 41 -17.27 18.94 6.70
CA ALA A 41 -18.46 19.66 7.18
C ALA A 41 -18.14 20.43 8.46
N GLY A 42 -17.21 19.90 9.26
CA GLY A 42 -16.74 20.58 10.46
C GLY A 42 -16.88 19.77 11.75
N PHE A 43 -16.87 18.44 11.61
CA PHE A 43 -17.00 17.55 12.77
C PHE A 43 -15.65 17.10 13.31
N ASN A 44 -15.47 17.21 14.62
CA ASN A 44 -14.31 16.66 15.32
C ASN A 44 -14.35 15.12 15.21
N THR A 45 -13.63 14.62 14.22
CA THR A 45 -13.77 13.22 13.81
C THR A 45 -12.54 12.39 14.17
N ALA A 46 -12.81 11.19 14.70
CA ALA A 46 -11.77 10.18 14.95
C ALA A 46 -11.86 9.09 13.89
N CYS A 47 -10.76 8.39 13.67
CA CYS A 47 -10.71 7.29 12.71
C CYS A 47 -9.90 6.13 13.28
N VAL A 48 -10.62 5.14 13.80
CA VAL A 48 -9.99 3.97 14.43
C VAL A 48 -9.76 2.88 13.38
N THR A 49 -8.50 2.51 13.20
CA THR A 49 -8.13 1.51 12.19
C THR A 49 -6.98 0.61 12.65
N LYS A 50 -7.13 -0.70 12.45
CA LYS A 50 -6.12 -1.67 12.88
C LYS A 50 -4.93 -1.74 11.91
N LEU A 51 -5.08 -1.11 10.75
CA LEU A 51 -4.00 -1.01 9.77
C LEU A 51 -3.82 0.44 9.35
N PHE A 52 -2.66 0.76 8.77
CA PHE A 52 -2.43 2.07 8.17
C PHE A 52 -3.37 2.25 6.98
N PRO A 53 -4.06 3.40 6.91
CA PRO A 53 -5.07 3.71 5.89
C PRO A 53 -4.76 3.20 4.48
N THR A 54 -3.54 3.43 4.01
CA THR A 54 -3.10 2.99 2.69
C THR A 54 -2.99 1.46 2.56
N ARG A 55 -2.74 0.79 3.69
CA ARG A 55 -2.51 -0.66 3.71
C ARG A 55 -3.80 -1.46 3.91
N SER A 56 -4.95 -0.84 3.62
CA SER A 56 -6.25 -1.49 3.76
C SER A 56 -6.45 -2.57 2.69
N HIS A 57 -7.69 -2.81 2.28
CA HIS A 57 -7.93 -3.86 1.30
C HIS A 57 -8.24 -3.27 -0.06
N THR A 58 -8.90 -2.12 -0.07
CA THR A 58 -9.26 -1.50 -1.35
C THR A 58 -8.05 -1.25 -2.24
N VAL A 59 -6.85 -1.38 -1.67
CA VAL A 59 -5.60 -1.33 -2.42
C VAL A 59 -5.58 -2.42 -3.48
N ALA A 60 -6.12 -3.59 -3.12
CA ALA A 60 -6.12 -4.76 -3.98
C ALA A 60 -7.12 -4.67 -5.12
N ALA A 61 -7.96 -3.64 -5.10
CA ALA A 61 -8.96 -3.43 -6.15
C ALA A 61 -8.33 -3.02 -7.47
N GLN A 62 -8.70 -3.72 -8.54
CA GLN A 62 -8.02 -3.61 -9.83
C GLN A 62 -8.95 -3.27 -10.99
N GLY A 63 -10.19 -3.75 -10.92
CA GLY A 63 -11.16 -3.58 -12.00
C GLY A 63 -11.50 -2.14 -12.31
N GLY A 64 -12.31 -1.52 -11.44
CA GLY A 64 -12.67 -0.12 -11.61
C GLY A 64 -13.81 0.36 -10.75
N ILE A 65 -14.36 1.51 -11.12
CA ILE A 65 -15.41 2.17 -10.36
C ILE A 65 -16.52 2.63 -11.33
N ASN A 66 -17.70 2.03 -11.20
CA ASN A 66 -18.81 2.27 -12.12
C ASN A 66 -19.46 3.64 -11.97
N ALA A 67 -19.65 4.32 -13.11
CA ALA A 67 -20.32 5.61 -13.17
C ALA A 67 -20.78 5.91 -14.58
N ALA A 68 -22.07 6.16 -14.75
CA ALA A 68 -22.62 6.49 -16.05
C ALA A 68 -22.29 7.94 -16.43
N LEU A 69 -21.03 8.17 -16.74
CA LEU A 69 -20.53 9.49 -17.15
C LEU A 69 -20.69 9.68 -18.65
N GLY A 70 -20.59 8.58 -19.39
CA GLY A 70 -20.74 8.59 -20.85
C GLY A 70 -19.58 9.23 -21.56
N ASN A 71 -18.44 8.55 -21.53
CA ASN A 71 -17.21 9.06 -22.14
C ASN A 71 -16.79 8.33 -23.40
N MET A 72 -17.23 7.08 -23.54
CA MET A 72 -16.98 6.28 -24.74
C MET A 72 -18.23 6.26 -25.63
N GLU A 73 -19.38 6.48 -25.00
CA GLU A 73 -20.69 6.38 -25.64
C GLU A 73 -21.69 7.30 -24.93
N GLU A 74 -22.93 7.37 -25.44
CA GLU A 74 -23.98 8.08 -24.71
C GLU A 74 -24.52 7.17 -23.60
N ASP A 75 -24.72 7.73 -22.42
CA ASP A 75 -25.10 6.92 -21.25
C ASP A 75 -26.09 7.60 -20.32
N ASN A 76 -27.02 6.80 -19.83
CA ASN A 76 -27.99 7.21 -18.80
C ASN A 76 -27.75 6.38 -17.55
N TRP A 77 -27.71 7.05 -16.39
CA TRP A 77 -27.48 6.37 -15.12
C TRP A 77 -28.61 5.43 -14.74
N ARG A 78 -29.80 5.68 -15.27
CA ARG A 78 -30.96 4.82 -15.04
C ARG A 78 -30.76 3.44 -15.64
N TRP A 79 -29.94 3.36 -16.69
CA TRP A 79 -29.56 2.08 -17.29
C TRP A 79 -28.69 1.29 -16.33
N HIS A 80 -27.79 2.00 -15.63
CA HIS A 80 -26.93 1.41 -14.61
C HIS A 80 -27.75 0.97 -13.39
N PHE A 81 -28.81 1.73 -13.09
CA PHE A 81 -29.74 1.38 -12.02
C PHE A 81 -30.40 0.02 -12.28
N TYR A 82 -30.89 -0.17 -13.50
CA TYR A 82 -31.50 -1.42 -13.92
C TYR A 82 -30.49 -2.57 -13.88
N ASP A 83 -29.29 -2.30 -14.39
CA ASP A 83 -28.21 -3.29 -14.44
C ASP A 83 -27.91 -3.89 -13.08
N THR A 84 -27.94 -3.05 -12.04
CA THR A 84 -27.59 -3.44 -10.68
C THR A 84 -28.67 -4.30 -10.03
N VAL A 85 -29.92 -3.82 -10.06
CA VAL A 85 -31.04 -4.56 -9.47
C VAL A 85 -31.27 -5.90 -10.19
N LYS A 86 -31.12 -5.90 -11.51
CA LYS A 86 -31.22 -7.12 -12.31
C LYS A 86 -30.18 -8.12 -11.83
N GLY A 87 -28.95 -7.65 -11.64
CA GLY A 87 -27.87 -8.48 -11.11
C GLY A 87 -28.08 -8.88 -9.66
N SER A 88 -28.77 -8.02 -8.91
CA SER A 88 -29.03 -8.27 -7.49
C SER A 88 -30.06 -9.36 -7.25
N ASP A 89 -30.59 -9.91 -8.35
CA ASP A 89 -31.61 -10.96 -8.34
C ASP A 89 -32.88 -10.55 -7.56
N TRP A 90 -33.17 -9.26 -7.61
CA TRP A 90 -34.31 -8.63 -6.92
C TRP A 90 -34.35 -8.79 -5.38
N LEU A 91 -33.20 -9.12 -4.81
CA LEU A 91 -33.02 -9.07 -3.35
C LEU A 91 -32.39 -7.73 -2.99
N GLY A 92 -32.01 -6.97 -4.01
CA GLY A 92 -31.47 -5.62 -3.82
C GLY A 92 -32.55 -4.61 -3.49
N ASP A 93 -32.27 -3.74 -2.53
CA ASP A 93 -33.20 -2.68 -2.13
C ASP A 93 -33.10 -1.49 -3.08
N GLN A 94 -34.14 -1.32 -3.90
CA GLN A 94 -34.12 -0.37 -5.02
C GLN A 94 -34.02 1.10 -4.65
N ASP A 95 -34.38 1.45 -3.41
CA ASP A 95 -34.20 2.82 -2.93
C ASP A 95 -32.73 3.14 -2.69
N ALA A 96 -31.97 2.11 -2.30
CA ALA A 96 -30.53 2.24 -2.12
C ALA A 96 -29.80 2.20 -3.45
N ILE A 97 -30.30 1.38 -4.37
CA ILE A 97 -29.74 1.27 -5.73
C ILE A 97 -29.98 2.55 -6.53
N HIS A 98 -31.12 3.19 -6.30
CA HIS A 98 -31.41 4.50 -6.87
C HIS A 98 -30.34 5.49 -6.44
N TYR A 99 -30.23 5.69 -5.12
CA TYR A 99 -29.30 6.65 -4.53
C TYR A 99 -27.86 6.48 -5.03
N MET A 100 -27.44 5.23 -5.22
CA MET A 100 -26.07 4.93 -5.63
C MET A 100 -25.81 5.35 -7.08
N THR A 101 -26.57 4.80 -8.01
CA THR A 101 -26.39 5.04 -9.45
C THR A 101 -26.68 6.49 -9.84
N GLU A 102 -27.52 7.16 -9.06
CA GLU A 102 -27.85 8.57 -9.25
C GLU A 102 -26.67 9.46 -8.88
N GLN A 103 -25.88 9.01 -7.90
CA GLN A 103 -24.75 9.78 -7.40
C GLN A 103 -23.42 9.35 -8.01
N ALA A 104 -23.43 8.23 -8.73
CA ALA A 104 -22.24 7.66 -9.36
C ALA A 104 -21.46 8.64 -10.25
N PRO A 105 -22.14 9.36 -11.17
CA PRO A 105 -21.43 10.34 -11.98
C PRO A 105 -20.94 11.56 -11.20
N ALA A 106 -21.56 11.83 -10.06
CA ALA A 106 -21.17 12.94 -9.20
C ALA A 106 -20.01 12.58 -8.26
N SER A 107 -19.98 11.32 -7.82
CA SER A 107 -18.94 10.84 -6.90
C SER A 107 -17.58 10.62 -7.58
N VAL A 108 -17.62 10.16 -8.83
CA VAL A 108 -16.39 9.88 -9.58
C VAL A 108 -15.73 11.16 -10.07
N VAL A 109 -16.52 12.09 -10.58
CA VAL A 109 -16.03 13.41 -10.98
C VAL A 109 -15.35 14.10 -9.80
N GLU A 110 -15.94 13.92 -8.62
CA GLU A 110 -15.38 14.40 -7.35
C GLU A 110 -13.99 13.80 -7.08
N LEU A 111 -13.84 12.51 -7.37
CA LEU A 111 -12.57 11.80 -7.18
C LEU A 111 -11.48 12.25 -8.15
N GLU A 112 -11.87 12.47 -9.40
CA GLU A 112 -10.95 13.00 -10.41
C GLU A 112 -10.48 14.39 -10.01
N ASN A 113 -11.38 15.16 -9.39
CA ASN A 113 -11.06 16.49 -8.88
C ASN A 113 -10.19 16.48 -7.62
N TYR A 114 -10.03 15.31 -7.01
CA TYR A 114 -9.05 15.12 -5.95
C TYR A 114 -7.67 14.86 -6.53
N GLY A 115 -7.62 14.48 -7.81
CA GLY A 115 -6.36 14.29 -8.53
C GLY A 115 -6.13 12.87 -9.00
N MET A 116 -7.11 12.00 -8.72
CA MET A 116 -7.03 10.59 -9.10
C MET A 116 -6.72 10.44 -10.59
N PRO A 117 -5.57 9.81 -10.91
CA PRO A 117 -5.10 9.74 -12.28
C PRO A 117 -5.74 8.62 -13.08
N PHE A 118 -7.02 8.79 -13.40
CA PHE A 118 -7.74 7.86 -14.26
C PHE A 118 -7.09 7.79 -15.63
N SER A 119 -7.13 6.60 -16.25
CA SER A 119 -6.72 6.45 -17.63
C SER A 119 -7.59 7.36 -18.50
N ARG A 120 -7.03 7.88 -19.59
CA ARG A 120 -7.73 8.88 -20.38
C ARG A 120 -8.01 8.43 -21.82
N THR A 121 -8.78 9.24 -22.55
CA THR A 121 -9.06 9.00 -23.96
C THR A 121 -8.65 10.17 -24.86
N GLU A 122 -8.95 10.05 -26.15
CA GLU A 122 -8.61 11.08 -27.15
C GLU A 122 -9.16 12.45 -26.77
N ASP A 123 -10.35 12.47 -26.20
CA ASP A 123 -11.01 13.72 -25.76
C ASP A 123 -10.38 14.25 -24.46
N GLY A 124 -9.83 13.35 -23.66
CA GLY A 124 -9.19 13.72 -22.40
C GLY A 124 -10.00 13.34 -21.18
N LYS A 125 -11.15 12.72 -21.40
CA LYS A 125 -12.07 12.32 -20.34
C LYS A 125 -11.66 10.97 -19.75
N ILE A 126 -12.29 10.60 -18.63
CA ILE A 126 -12.00 9.36 -17.92
C ILE A 126 -12.31 8.14 -18.78
N TYR A 127 -11.37 7.20 -18.85
CA TYR A 127 -11.53 5.97 -19.61
C TYR A 127 -12.57 5.05 -18.98
N GLN A 128 -13.45 4.51 -19.82
CA GLN A 128 -14.45 3.55 -19.39
C GLN A 128 -14.36 2.30 -20.26
N ARG A 129 -14.58 1.14 -19.65
CA ARG A 129 -14.53 -0.12 -20.39
C ARG A 129 -15.55 -1.14 -19.87
N ALA A 130 -15.78 -2.19 -20.65
CA ALA A 130 -16.77 -3.23 -20.36
C ALA A 130 -16.47 -3.98 -19.06
N PHE A 131 -17.53 -4.44 -18.40
CA PHE A 131 -17.40 -5.20 -17.16
C PHE A 131 -18.59 -6.15 -16.99
N GLY A 132 -18.35 -7.26 -16.30
CA GLY A 132 -19.33 -8.34 -16.17
C GLY A 132 -20.63 -7.97 -15.47
N GLY A 133 -21.72 -7.94 -16.25
CA GLY A 133 -23.05 -7.71 -15.72
C GLY A 133 -23.74 -6.45 -16.19
N GLN A 134 -23.05 -5.64 -17.00
CA GLN A 134 -23.56 -4.34 -17.43
C GLN A 134 -24.08 -4.31 -18.87
N SER A 135 -25.05 -3.43 -19.11
CA SER A 135 -25.76 -3.35 -20.39
C SER A 135 -26.39 -1.98 -20.63
N LEU A 136 -26.36 -1.53 -21.88
CA LEU A 136 -26.99 -0.27 -22.29
C LEU A 136 -28.50 -0.45 -22.54
N LYS A 137 -29.21 0.67 -22.60
CA LYS A 137 -30.64 0.71 -22.96
C LYS A 137 -31.52 -0.28 -22.20
N PHE A 138 -31.43 -0.28 -20.88
CA PHE A 138 -32.22 -1.18 -20.00
C PHE A 138 -32.07 -2.66 -20.34
N GLY A 139 -30.86 -3.07 -20.69
CA GLY A 139 -30.56 -4.47 -20.99
C GLY A 139 -30.84 -4.91 -22.42
N LYS A 140 -31.00 -3.94 -23.32
CA LYS A 140 -31.32 -4.22 -24.72
C LYS A 140 -30.17 -3.83 -25.65
N GLY A 141 -29.62 -2.64 -25.43
CA GLY A 141 -28.63 -2.06 -26.34
C GLY A 141 -27.19 -2.53 -26.20
N GLY A 142 -27.02 -3.84 -26.00
CA GLY A 142 -25.69 -4.47 -25.99
C GLY A 142 -24.85 -4.17 -24.76
N GLN A 143 -23.54 -4.32 -24.91
CA GLN A 143 -22.57 -4.14 -23.82
C GLN A 143 -22.34 -2.67 -23.49
N ALA A 144 -22.19 -2.38 -22.21
CA ALA A 144 -21.99 -1.00 -21.72
C ALA A 144 -20.58 -0.76 -21.20
N HIS A 145 -20.06 0.43 -21.46
CA HIS A 145 -18.76 0.86 -20.96
C HIS A 145 -18.92 2.09 -20.08
N ARG A 146 -19.01 1.86 -18.77
CA ARG A 146 -19.10 2.95 -17.80
C ARG A 146 -18.21 2.72 -16.58
N CYS A 147 -17.41 1.66 -16.64
CA CYS A 147 -16.45 1.36 -15.60
C CYS A 147 -15.22 2.25 -15.70
N CYS A 148 -15.14 3.25 -14.81
CA CYS A 148 -14.00 4.15 -14.74
C CYS A 148 -12.81 3.46 -14.08
N CYS A 149 -11.62 3.63 -14.64
CA CYS A 149 -10.47 2.86 -14.18
C CYS A 149 -9.13 3.60 -14.27
N VAL A 150 -8.28 3.35 -13.27
CA VAL A 150 -6.89 3.79 -13.28
C VAL A 150 -6.02 2.59 -13.70
N ALA A 151 -6.14 2.22 -14.98
CA ALA A 151 -5.34 1.17 -15.61
C ALA A 151 -4.99 -0.02 -14.69
N ASP A 152 -6.00 -0.80 -14.32
CA ASP A 152 -5.83 -2.04 -13.56
C ASP A 152 -5.29 -1.89 -12.13
N ARG A 153 -5.19 -0.65 -11.66
CA ARG A 153 -4.79 -0.36 -10.28
C ARG A 153 -5.67 0.74 -9.69
N THR A 154 -6.96 0.62 -9.95
CA THR A 154 -7.95 1.67 -9.67
C THR A 154 -8.16 1.89 -8.17
N GLY A 155 -8.32 0.80 -7.43
CA GLY A 155 -8.57 0.85 -5.99
C GLY A 155 -7.40 1.39 -5.19
N HIS A 156 -6.20 0.95 -5.55
CA HIS A 156 -4.96 1.47 -4.98
C HIS A 156 -4.93 3.00 -5.11
N SER A 157 -5.17 3.48 -6.32
CA SER A 157 -5.19 4.91 -6.62
C SER A 157 -6.38 5.61 -5.98
N LEU A 158 -7.47 4.88 -5.79
CA LEU A 158 -8.65 5.40 -5.10
C LEU A 158 -8.38 5.62 -3.61
N LEU A 159 -7.61 4.72 -3.02
CA LEU A 159 -7.30 4.79 -1.60
C LEU A 159 -6.21 5.81 -1.31
N HIS A 160 -5.22 5.92 -2.19
CA HIS A 160 -4.11 6.86 -2.02
C HIS A 160 -4.52 8.32 -2.22
N THR A 161 -5.42 8.57 -3.16
CA THR A 161 -5.87 9.94 -3.44
C THR A 161 -6.86 10.45 -2.40
N LEU A 162 -7.63 9.53 -1.83
CA LEU A 162 -8.54 9.86 -0.73
C LEU A 162 -7.78 10.06 0.57
N TYR A 163 -6.74 9.25 0.80
CA TYR A 163 -5.92 9.39 1.99
C TYR A 163 -5.18 10.72 1.96
N GLY A 164 -4.53 11.01 0.83
CA GLY A 164 -3.86 12.29 0.62
C GLY A 164 -4.79 13.47 0.85
N ARG A 165 -6.04 13.32 0.46
CA ARG A 165 -7.06 14.34 0.65
C ARG A 165 -7.48 14.44 2.11
N SER A 166 -7.41 13.33 2.83
CA SER A 166 -7.81 13.31 4.24
C SER A 166 -6.85 14.08 5.15
N LEU A 167 -5.60 14.21 4.71
CA LEU A 167 -4.60 15.02 5.42
C LEU A 167 -4.87 16.52 5.29
N ARG A 168 -5.71 16.88 4.32
CA ARG A 168 -6.13 18.27 4.12
C ARG A 168 -7.16 18.70 5.17
N TYR A 169 -7.45 17.80 6.11
CA TYR A 169 -8.43 18.07 7.17
C TYR A 169 -7.91 17.68 8.56
N ASP A 170 -8.66 18.07 9.60
CA ASP A 170 -8.23 17.93 10.99
C ASP A 170 -8.71 16.64 11.67
N THR A 171 -8.70 15.54 10.92
CA THR A 171 -9.16 14.25 11.44
C THR A 171 -8.10 13.60 12.34
N SER A 172 -8.56 12.99 13.43
CA SER A 172 -7.68 12.23 14.32
C SER A 172 -7.57 10.79 13.85
N TYR A 173 -6.33 10.30 13.71
CA TYR A 173 -6.09 8.96 13.19
C TYR A 173 -5.46 8.02 14.22
N PHE A 174 -6.23 7.02 14.62
CA PHE A 174 -5.76 6.00 15.55
C PHE A 174 -5.21 4.81 14.76
N VAL A 175 -3.97 4.97 14.28
CA VAL A 175 -3.33 3.98 13.43
C VAL A 175 -2.92 2.74 14.23
N GLU A 176 -3.28 1.57 13.71
CA GLU A 176 -3.07 0.28 14.37
C GLU A 176 -3.77 0.21 15.73
N TYR A 177 -5.09 0.32 15.70
CA TYR A 177 -5.95 0.22 16.87
C TYR A 177 -7.05 -0.78 16.59
N PHE A 178 -6.93 -1.97 17.16
CA PHE A 178 -7.95 -3.02 16.98
C PHE A 178 -9.14 -2.76 17.89
N ALA A 179 -10.26 -2.36 17.28
CA ALA A 179 -11.49 -2.10 18.00
C ALA A 179 -12.16 -3.42 18.40
N LEU A 180 -12.67 -3.47 19.63
CA LEU A 180 -13.19 -4.70 20.20
C LEU A 180 -14.72 -4.77 20.11
N ASP A 181 -15.39 -3.89 20.86
CA ASP A 181 -16.86 -3.85 20.91
C ASP A 181 -17.38 -2.43 20.84
N LEU A 182 -18.64 -2.29 20.45
CA LEU A 182 -19.31 -1.00 20.42
C LEU A 182 -19.70 -0.55 21.83
N LEU A 183 -19.59 0.75 22.10
CA LEU A 183 -20.01 1.32 23.36
C LEU A 183 -21.52 1.58 23.33
N MET A 184 -22.28 0.59 23.79
CA MET A 184 -23.73 0.62 23.71
C MET A 184 -24.35 0.96 25.07
N GLU A 185 -25.39 1.79 25.06
CA GLU A 185 -26.12 2.14 26.27
C GLU A 185 -27.59 2.39 25.95
N ASN A 186 -28.46 1.48 26.42
CA ASN A 186 -29.90 1.55 26.17
C ASN A 186 -30.27 1.67 24.69
N GLY A 187 -29.70 0.78 23.88
CA GLY A 187 -29.97 0.74 22.44
C GLY A 187 -29.35 1.88 21.65
N GLU A 188 -28.42 2.60 22.28
CA GLU A 188 -27.76 3.74 21.64
C GLU A 188 -26.25 3.54 21.58
N CYS A 189 -25.69 3.75 20.40
CA CYS A 189 -24.24 3.64 20.21
C CYS A 189 -23.53 4.93 20.59
N ARG A 190 -22.48 4.79 21.38
CA ARG A 190 -21.70 5.93 21.86
C ARG A 190 -20.29 5.95 21.28
N GLY A 191 -19.89 4.84 20.68
CA GLY A 191 -18.56 4.74 20.09
C GLY A 191 -17.98 3.35 20.18
N VAL A 192 -16.67 3.27 20.42
CA VAL A 192 -15.94 2.00 20.42
C VAL A 192 -14.94 1.90 21.55
N ILE A 193 -14.73 0.68 22.05
CA ILE A 193 -13.65 0.39 22.98
C ILE A 193 -12.55 -0.36 22.23
N ALA A 194 -11.38 0.26 22.12
CA ALA A 194 -10.32 -0.22 21.23
C ALA A 194 -8.99 -0.48 21.93
N LEU A 195 -8.40 -1.63 21.64
CA LEU A 195 -7.05 -1.94 22.11
C LEU A 195 -6.01 -1.34 21.18
N CYS A 196 -5.10 -0.57 21.76
CA CYS A 196 -3.96 -0.04 21.04
C CYS A 196 -2.93 -1.16 20.85
N ILE A 197 -2.71 -1.55 19.60
CA ILE A 197 -1.75 -2.60 19.27
C ILE A 197 -0.34 -2.23 19.74
N GLU A 198 -0.01 -0.94 19.61
CA GLU A 198 1.29 -0.37 19.99
C GLU A 198 1.82 -0.84 21.35
N ASP A 199 1.02 -0.70 22.39
CA ASP A 199 1.48 -0.93 23.77
C ASP A 199 0.54 -1.76 24.65
N GLY A 200 -0.66 -2.04 24.15
CA GLY A 200 -1.64 -2.83 24.91
C GLY A 200 -2.56 -2.02 25.79
N SER A 201 -2.48 -0.69 25.65
CA SER A 201 -3.36 0.23 26.38
C SER A 201 -4.76 0.22 25.76
N ILE A 202 -5.78 0.21 26.61
CA ILE A 202 -7.17 0.16 26.16
C ILE A 202 -7.82 1.54 26.19
N HIS A 203 -8.29 1.98 25.02
CA HIS A 203 -8.88 3.30 24.87
C HIS A 203 -10.37 3.23 24.59
N ARG A 204 -11.11 4.21 25.11
CA ARG A 204 -12.54 4.33 24.84
C ARG A 204 -12.79 5.64 24.12
N ILE A 205 -13.09 5.54 22.82
CA ILE A 205 -13.30 6.71 21.98
C ILE A 205 -14.81 6.97 21.84
N ARG A 206 -15.35 7.74 22.77
CA ARG A 206 -16.78 8.04 22.78
C ARG A 206 -17.14 9.19 21.84
N ALA A 207 -18.31 9.09 21.22
CA ALA A 207 -18.80 10.08 20.26
C ALA A 207 -20.33 10.13 20.22
N ARG A 208 -20.87 11.17 19.60
CA ARG A 208 -22.31 11.31 19.43
C ARG A 208 -22.82 10.33 18.37
N ASN A 209 -21.99 10.05 17.37
CA ASN A 209 -22.30 9.09 16.32
C ASN A 209 -21.15 8.11 16.12
N THR A 210 -21.41 7.04 15.38
CA THR A 210 -20.37 6.06 15.04
C THR A 210 -20.63 5.45 13.66
N VAL A 211 -19.56 5.35 12.87
CA VAL A 211 -19.62 4.70 11.55
C VAL A 211 -18.78 3.43 11.61
N VAL A 212 -19.35 2.33 11.13
CA VAL A 212 -18.63 1.04 11.12
C VAL A 212 -18.37 0.61 9.67
N ALA A 213 -17.10 0.71 9.26
CA ALA A 213 -16.70 0.33 7.90
C ALA A 213 -15.48 -0.59 7.91
N THR A 214 -15.67 -1.82 8.37
CA THR A 214 -14.58 -2.78 8.56
C THR A 214 -14.43 -3.75 7.40
N GLY A 215 -15.31 -3.64 6.40
CA GLY A 215 -15.25 -4.48 5.21
C GLY A 215 -15.58 -5.94 5.43
N GLY A 216 -15.24 -6.75 4.43
CA GLY A 216 -15.65 -8.15 4.36
C GLY A 216 -15.08 -9.10 5.41
N TYR A 217 -15.68 -10.29 5.48
CA TYR A 217 -15.24 -11.37 6.37
C TYR A 217 -14.75 -12.56 5.57
N GLY A 218 -14.15 -12.28 4.41
CA GLY A 218 -13.73 -13.31 3.46
C GLY A 218 -12.77 -14.37 3.99
N ARG A 219 -12.23 -14.15 5.19
CA ARG A 219 -11.26 -15.06 5.80
C ARG A 219 -11.89 -16.26 6.51
N THR A 220 -13.22 -16.34 6.51
CA THR A 220 -13.93 -17.49 7.08
C THR A 220 -13.69 -18.75 6.26
N TYR A 221 -13.35 -18.56 4.98
CA TYR A 221 -13.11 -19.65 4.05
C TYR A 221 -11.61 -19.91 3.83
N PHE A 222 -11.28 -21.10 3.32
CA PHE A 222 -9.90 -21.48 3.06
C PHE A 222 -9.32 -20.72 1.86
N SER A 223 -10.03 -20.79 0.74
CA SER A 223 -9.56 -20.17 -0.50
C SER A 223 -10.34 -18.89 -0.80
N CYS A 224 -9.68 -17.75 -0.65
CA CYS A 224 -10.30 -16.44 -0.87
C CYS A 224 -9.33 -15.43 -1.46
N THR A 225 -9.86 -14.44 -2.18
CA THR A 225 -9.05 -13.35 -2.71
C THR A 225 -8.66 -12.36 -1.62
N SER A 226 -9.50 -12.30 -0.59
CA SER A 226 -9.37 -11.30 0.49
C SER A 226 -8.08 -11.40 1.31
N ALA A 227 -7.68 -10.27 1.87
CA ALA A 227 -6.45 -10.14 2.65
C ALA A 227 -6.57 -10.79 4.03
N HIS A 228 -5.42 -11.02 4.67
CA HIS A 228 -5.36 -11.66 5.98
C HIS A 228 -6.06 -10.86 7.09
N THR A 229 -6.62 -9.70 6.73
CA THR A 229 -7.26 -8.83 7.69
C THR A 229 -8.78 -8.70 7.51
N SER A 230 -9.30 -9.33 6.46
CA SER A 230 -10.74 -9.37 6.21
C SER A 230 -11.42 -10.36 7.15
N THR A 231 -11.50 -10.00 8.42
CA THR A 231 -11.96 -10.92 9.46
C THR A 231 -13.30 -10.53 10.08
N GLY A 232 -14.11 -9.78 9.33
CA GLY A 232 -15.45 -9.35 9.74
C GLY A 232 -15.54 -8.88 11.17
N ASP A 233 -14.70 -7.92 11.54
CA ASP A 233 -14.61 -7.43 12.91
C ASP A 233 -15.80 -6.57 13.31
N GLY A 234 -16.17 -5.62 12.45
CA GLY A 234 -17.29 -4.72 12.73
C GLY A 234 -18.65 -5.41 12.69
N THR A 235 -18.74 -6.46 11.89
CA THR A 235 -19.93 -7.29 11.84
C THR A 235 -20.16 -7.92 13.22
N ALA A 236 -19.08 -8.47 13.78
CA ALA A 236 -19.12 -9.09 15.10
C ALA A 236 -19.44 -8.09 16.21
N MET A 237 -18.90 -6.88 16.11
CA MET A 237 -19.19 -5.81 17.07
C MET A 237 -20.68 -5.54 17.15
N VAL A 238 -21.35 -5.66 16.00
CA VAL A 238 -22.79 -5.50 15.91
C VAL A 238 -23.52 -6.71 16.49
N THR A 239 -22.99 -7.90 16.20
CA THR A 239 -23.63 -9.16 16.63
C THR A 239 -23.56 -9.36 18.15
N ARG A 240 -22.47 -8.90 18.77
CA ARG A 240 -22.28 -9.04 20.21
C ARG A 240 -23.13 -8.06 21.01
N ALA A 241 -23.71 -7.07 20.33
CA ALA A 241 -24.64 -6.13 20.94
C ALA A 241 -26.08 -6.63 20.83
N GLY A 242 -26.26 -7.72 20.10
CA GLY A 242 -27.58 -8.30 19.87
C GLY A 242 -28.31 -7.68 18.69
N LEU A 243 -27.58 -6.89 17.90
CA LEU A 243 -28.13 -6.28 16.69
C LEU A 243 -28.04 -7.24 15.50
N PRO A 244 -29.01 -7.15 14.56
CA PRO A 244 -29.09 -8.15 13.50
C PRO A 244 -28.00 -8.00 12.44
N CYS A 245 -27.76 -9.10 11.73
CA CYS A 245 -26.88 -9.09 10.56
C CYS A 245 -27.67 -9.58 9.35
N GLN A 246 -27.50 -8.89 8.22
CA GLN A 246 -28.33 -9.12 7.04
C GLN A 246 -27.62 -9.93 5.95
N ASP A 247 -28.39 -10.80 5.29
CA ASP A 247 -27.97 -11.53 4.08
C ASP A 247 -26.58 -12.18 4.15
N LEU A 248 -26.20 -12.64 5.34
CA LEU A 248 -24.84 -13.15 5.57
C LEU A 248 -24.46 -14.40 4.80
N GLU A 249 -25.46 -15.17 4.37
CA GLU A 249 -25.21 -16.41 3.62
C GLU A 249 -24.77 -16.17 2.18
N PHE A 250 -25.05 -14.98 1.65
CA PHE A 250 -24.70 -14.63 0.27
C PHE A 250 -23.22 -14.27 0.17
N VAL A 251 -22.47 -15.10 -0.56
CA VAL A 251 -21.03 -14.92 -0.75
C VAL A 251 -20.71 -14.95 -2.24
N GLN A 252 -20.14 -13.87 -2.75
CA GLN A 252 -19.79 -13.76 -4.16
C GLN A 252 -18.49 -14.50 -4.46
N PHE A 253 -18.55 -15.42 -5.42
CA PHE A 253 -17.38 -16.14 -5.89
C PHE A 253 -16.87 -15.51 -7.18
N HIS A 254 -15.74 -14.82 -7.11
CA HIS A 254 -15.11 -14.26 -8.30
C HIS A 254 -14.56 -15.40 -9.14
N PRO A 255 -15.00 -15.49 -10.41
CA PRO A 255 -14.62 -16.57 -11.33
C PRO A 255 -13.12 -16.61 -11.63
N THR A 256 -12.51 -15.43 -11.72
CA THR A 256 -11.10 -15.33 -12.11
C THR A 256 -10.17 -15.01 -10.93
N GLY A 257 -9.41 -16.02 -10.50
CA GLY A 257 -8.46 -15.88 -9.39
C GLY A 257 -7.48 -17.02 -9.37
N ILE A 258 -6.20 -16.71 -9.18
CA ILE A 258 -5.10 -17.70 -9.25
C ILE A 258 -5.38 -18.96 -8.42
N TYR A 259 -5.10 -20.11 -9.03
CA TYR A 259 -5.31 -21.43 -8.42
C TYR A 259 -4.44 -21.66 -7.17
N GLY A 260 -3.25 -21.06 -7.15
CA GLY A 260 -2.31 -21.22 -6.05
C GLY A 260 -2.73 -20.55 -4.76
N ALA A 261 -2.22 -19.34 -4.53
CA ALA A 261 -2.48 -18.58 -3.30
C ALA A 261 -3.91 -18.04 -3.21
N GLY A 262 -4.55 -17.88 -4.37
CA GLY A 262 -5.92 -17.40 -4.43
C GLY A 262 -6.05 -15.92 -4.73
N CYS A 263 -4.98 -15.32 -5.24
CA CYS A 263 -4.96 -13.90 -5.58
C CYS A 263 -5.90 -13.58 -6.73
N LEU A 264 -6.37 -12.34 -6.79
CA LEU A 264 -7.35 -11.93 -7.79
C LEU A 264 -6.72 -11.62 -9.16
N ILE A 265 -7.37 -12.11 -10.20
CA ILE A 265 -7.17 -11.62 -11.55
C ILE A 265 -8.46 -10.89 -11.93
N THR A 266 -8.32 -9.61 -12.28
CA THR A 266 -9.48 -8.72 -12.47
C THR A 266 -10.49 -9.20 -13.53
N GLU A 267 -11.73 -8.77 -13.36
CA GLU A 267 -12.78 -8.98 -14.37
C GLU A 267 -12.54 -8.07 -15.57
N GLY A 268 -11.65 -7.10 -15.41
CA GLY A 268 -11.18 -6.25 -16.50
C GLY A 268 -10.48 -7.04 -17.60
N CYS A 269 -9.89 -8.18 -17.23
CA CYS A 269 -9.32 -9.11 -18.18
C CYS A 269 -10.39 -9.68 -19.11
N ARG A 270 -11.55 -9.98 -18.54
CA ARG A 270 -12.72 -10.41 -19.30
C ARG A 270 -13.41 -9.24 -20.00
N GLY A 271 -13.30 -8.06 -19.39
CA GLY A 271 -13.90 -6.84 -19.92
C GLY A 271 -13.19 -6.29 -21.15
N GLU A 272 -11.86 -6.43 -21.18
CA GLU A 272 -11.05 -6.00 -22.32
C GLU A 272 -11.26 -6.91 -23.54
N GLY A 273 -11.53 -8.19 -23.28
CA GLY A 273 -11.80 -9.14 -24.35
C GLY A 273 -11.41 -10.57 -24.04
N GLY A 274 -10.75 -10.78 -22.90
CA GLY A 274 -10.26 -12.10 -22.48
C GLY A 274 -11.36 -13.13 -22.30
N ILE A 275 -11.06 -14.37 -22.71
CA ILE A 275 -12.04 -15.46 -22.68
C ILE A 275 -11.62 -16.55 -21.69
N LEU A 276 -12.60 -17.22 -21.11
CA LEU A 276 -12.36 -18.37 -20.23
C LEU A 276 -12.37 -19.67 -21.01
N ILE A 277 -11.28 -20.45 -20.88
CA ILE A 277 -11.07 -21.65 -21.68
C ILE A 277 -10.87 -22.91 -20.83
N ASN A 278 -11.51 -24.00 -21.24
CA ASN A 278 -11.38 -25.30 -20.59
C ASN A 278 -10.24 -26.16 -21.17
N SER A 279 -10.04 -27.36 -20.62
CA SER A 279 -9.01 -28.27 -21.09
C SER A 279 -9.29 -28.83 -22.48
N GLN A 280 -10.55 -28.77 -22.90
CA GLN A 280 -10.96 -29.19 -24.24
C GLN A 280 -10.53 -28.17 -25.29
N GLY A 281 -10.74 -26.88 -24.98
CA GLY A 281 -10.35 -25.79 -25.86
C GLY A 281 -11.48 -24.85 -26.23
N GLU A 282 -12.72 -25.29 -26.02
CA GLU A 282 -13.91 -24.52 -26.40
C GLU A 282 -14.13 -23.31 -25.51
N ARG A 283 -14.65 -22.23 -26.11
CA ARG A 283 -15.21 -21.10 -25.39
C ARG A 283 -16.46 -21.61 -24.66
N PHE A 284 -16.26 -22.09 -23.44
CA PHE A 284 -17.30 -22.83 -22.71
C PHE A 284 -18.43 -21.96 -22.17
N MET A 285 -18.15 -20.68 -21.94
CA MET A 285 -19.16 -19.73 -21.46
C MET A 285 -20.21 -19.40 -22.51
N GLU A 286 -19.87 -19.67 -23.77
CA GLU A 286 -20.81 -19.53 -24.89
C GLU A 286 -21.85 -20.65 -24.85
N ARG A 287 -21.46 -21.81 -24.32
CA ARG A 287 -22.33 -22.97 -24.20
C ARG A 287 -23.38 -22.79 -23.08
N TYR A 288 -22.98 -22.12 -22.01
CA TYR A 288 -23.89 -21.84 -20.88
C TYR A 288 -24.84 -20.68 -21.18
N ALA A 289 -24.39 -19.46 -20.89
CA ALA A 289 -25.15 -18.25 -21.15
C ALA A 289 -24.59 -17.54 -22.39
N PRO A 290 -25.29 -17.66 -23.54
CA PRO A 290 -24.75 -17.17 -24.82
C PRO A 290 -24.93 -15.67 -25.07
N VAL A 291 -25.85 -15.04 -24.33
CA VAL A 291 -26.18 -13.62 -24.55
C VAL A 291 -25.03 -12.69 -24.14
N ALA A 292 -24.46 -12.93 -22.96
CA ALA A 292 -23.37 -12.10 -22.45
C ALA A 292 -22.03 -12.84 -22.42
N LYS A 293 -22.08 -14.18 -22.53
CA LYS A 293 -20.91 -15.05 -22.55
C LYS A 293 -20.06 -14.99 -21.27
N ASP A 294 -18.74 -14.92 -21.40
CA ASP A 294 -17.85 -14.83 -20.24
C ASP A 294 -17.82 -13.46 -19.56
N LEU A 295 -18.68 -12.55 -20.03
CA LEU A 295 -18.83 -11.24 -19.43
C LEU A 295 -20.21 -11.08 -18.80
N ALA A 296 -20.74 -12.20 -18.28
CA ALA A 296 -22.05 -12.24 -17.63
C ALA A 296 -21.95 -11.90 -16.14
N SER A 297 -22.99 -12.26 -15.38
CA SER A 297 -23.03 -12.03 -13.94
C SER A 297 -21.98 -12.82 -13.18
N ARG A 298 -21.50 -12.23 -12.09
CA ARG A 298 -20.43 -12.81 -11.26
C ARG A 298 -20.77 -14.18 -10.68
N ASP A 299 -22.03 -14.34 -10.28
CA ASP A 299 -22.52 -15.60 -9.72
C ASP A 299 -22.71 -16.67 -10.80
N VAL A 300 -23.15 -16.25 -11.98
CA VAL A 300 -23.47 -17.15 -13.08
C VAL A 300 -22.22 -17.70 -13.78
N VAL A 301 -21.21 -16.84 -13.96
CA VAL A 301 -19.96 -17.24 -14.60
C VAL A 301 -19.21 -18.28 -13.76
N SER A 302 -19.14 -18.03 -12.45
CA SER A 302 -18.50 -18.96 -11.52
C SER A 302 -19.33 -20.22 -11.30
N ARG A 303 -20.64 -20.10 -11.46
CA ARG A 303 -21.57 -21.24 -11.40
C ARG A 303 -21.26 -22.24 -12.50
N SER A 304 -20.94 -21.71 -13.69
CA SER A 304 -20.59 -22.51 -14.84
C SER A 304 -19.20 -23.13 -14.67
N MET A 305 -18.27 -22.35 -14.13
CA MET A 305 -16.89 -22.79 -13.91
C MET A 305 -16.78 -23.96 -12.94
N THR A 306 -17.47 -23.85 -11.80
CA THR A 306 -17.47 -24.88 -10.76
C THR A 306 -18.10 -26.18 -11.29
N LEU A 307 -19.11 -26.04 -12.14
CA LEU A 307 -19.77 -27.19 -12.76
C LEU A 307 -18.83 -27.87 -13.77
N GLU A 308 -18.06 -27.07 -14.50
CA GLU A 308 -17.15 -27.56 -15.54
C GLU A 308 -15.98 -28.41 -15.02
N ILE A 309 -15.59 -28.18 -13.76
CA ILE A 309 -14.52 -28.94 -13.12
C ILE A 309 -14.98 -30.37 -12.79
N ARG A 310 -16.24 -30.51 -12.39
CA ARG A 310 -16.80 -31.80 -11.96
C ARG A 310 -17.08 -32.77 -13.11
N GLU A 311 -17.38 -32.23 -14.29
CA GLU A 311 -17.70 -33.06 -15.47
C GLU A 311 -16.47 -33.80 -16.01
N GLY A 312 -15.30 -33.20 -15.82
CA GLY A 312 -14.04 -33.82 -16.24
C GLY A 312 -13.14 -32.89 -17.04
N ARG A 313 -13.50 -31.60 -17.09
CA ARG A 313 -12.77 -30.62 -17.87
C ARG A 313 -11.77 -29.84 -16.99
N GLY A 314 -10.91 -30.57 -16.29
CA GLY A 314 -9.88 -29.99 -15.44
C GLY A 314 -8.61 -29.69 -16.21
N CYS A 315 -8.00 -28.54 -15.92
CA CYS A 315 -6.86 -28.04 -16.69
C CYS A 315 -5.50 -28.24 -16.00
N GLY A 316 -5.50 -28.81 -14.79
CA GLY A 316 -4.28 -29.01 -14.03
C GLY A 316 -3.86 -30.46 -13.85
N PRO A 317 -2.78 -30.69 -13.07
CA PRO A 317 -2.30 -32.04 -12.76
C PRO A 317 -3.26 -32.80 -11.86
N GLU A 318 -3.99 -32.06 -11.01
CA GLU A 318 -5.02 -32.63 -10.14
C GLU A 318 -6.40 -32.44 -10.77
N LYS A 319 -6.42 -31.74 -11.91
CA LYS A 319 -7.66 -31.43 -12.67
C LYS A 319 -8.69 -30.66 -11.83
N ASP A 320 -8.22 -29.59 -11.18
CA ASP A 320 -9.07 -28.81 -10.27
C ASP A 320 -9.11 -27.31 -10.57
N HIS A 321 -8.74 -26.91 -11.79
CA HIS A 321 -8.85 -25.52 -12.23
C HIS A 321 -9.22 -25.34 -13.70
N VAL A 322 -9.50 -24.09 -14.07
CA VAL A 322 -9.85 -23.70 -15.45
C VAL A 322 -8.84 -22.65 -15.92
N TYR A 323 -8.80 -22.38 -17.23
CA TYR A 323 -7.88 -21.37 -17.78
C TYR A 323 -8.57 -20.06 -18.17
N LEU A 324 -7.85 -18.95 -17.99
CA LEU A 324 -8.27 -17.64 -18.47
C LEU A 324 -7.29 -17.21 -19.55
N GLN A 325 -7.81 -16.91 -20.74
CA GLN A 325 -6.97 -16.63 -21.89
C GLN A 325 -6.88 -15.13 -22.19
N LEU A 326 -5.64 -14.64 -22.30
CA LEU A 326 -5.36 -13.26 -22.67
C LEU A 326 -4.32 -13.21 -23.80
N HIS A 327 -4.01 -14.38 -24.34
CA HIS A 327 -3.04 -14.54 -25.43
C HIS A 327 -3.45 -13.84 -26.71
N HIS A 328 -4.74 -13.89 -27.03
CA HIS A 328 -5.26 -13.35 -28.29
C HIS A 328 -5.29 -11.82 -28.38
N LEU A 329 -5.29 -11.16 -27.22
CA LEU A 329 -5.22 -9.69 -27.16
C LEU A 329 -3.80 -9.20 -27.46
N PRO A 330 -3.66 -7.97 -28.02
CA PRO A 330 -2.35 -7.39 -28.33
C PRO A 330 -1.40 -7.35 -27.14
N PRO A 331 -0.10 -7.60 -27.38
CA PRO A 331 0.92 -7.62 -26.31
C PRO A 331 1.12 -6.28 -25.63
N GLU A 332 1.02 -5.19 -26.38
CA GLU A 332 1.21 -3.84 -25.84
C GLU A 332 -0.09 -3.23 -25.29
N GLN A 333 -1.20 -3.96 -25.45
CA GLN A 333 -2.46 -3.62 -24.80
C GLN A 333 -2.43 -4.13 -23.36
N LEU A 334 -1.69 -5.22 -23.15
CA LEU A 334 -1.45 -5.78 -21.81
C LEU A 334 -0.29 -5.07 -21.11
N ALA A 335 -0.14 -3.78 -21.40
CA ALA A 335 0.86 -2.93 -20.78
C ALA A 335 0.26 -1.56 -20.48
N VAL A 336 -0.62 -1.10 -21.37
CA VAL A 336 -1.32 0.18 -21.21
C VAL A 336 -2.53 0.03 -20.30
N ARG A 337 -3.38 -0.97 -20.61
CA ARG A 337 -4.64 -1.17 -19.89
C ARG A 337 -4.51 -2.11 -18.69
N LEU A 338 -3.75 -3.18 -18.86
CA LEU A 338 -3.57 -4.18 -17.81
C LEU A 338 -2.09 -4.47 -17.51
N PRO A 339 -1.46 -3.64 -16.65
CA PRO A 339 -0.08 -3.91 -16.24
C PRO A 339 0.03 -4.61 -14.87
N GLY A 340 -1.01 -4.51 -14.06
CA GLY A 340 -1.02 -5.08 -12.71
C GLY A 340 -1.15 -6.59 -12.69
N ILE A 341 -2.08 -7.11 -13.50
CA ILE A 341 -2.29 -8.55 -13.63
C ILE A 341 -1.19 -9.23 -14.44
N SER A 342 -0.48 -8.43 -15.24
CA SER A 342 0.66 -8.92 -16.04
C SER A 342 1.85 -9.27 -15.16
N GLU A 343 1.96 -8.62 -14.00
CA GLU A 343 3.05 -8.85 -13.06
C GLU A 343 2.72 -9.88 -11.99
N THR A 344 1.49 -9.84 -11.46
CA THR A 344 1.08 -10.76 -10.38
C THR A 344 0.88 -12.20 -10.84
N ALA A 345 0.61 -12.40 -12.14
CA ALA A 345 0.52 -13.73 -12.72
C ALA A 345 1.92 -14.28 -13.03
N MET A 346 2.87 -13.35 -13.24
CA MET A 346 4.26 -13.69 -13.47
C MET A 346 4.96 -14.12 -12.17
N ILE A 347 4.59 -13.48 -11.07
CA ILE A 347 5.20 -13.74 -9.77
C ILE A 347 4.66 -15.04 -9.13
N PHE A 348 3.34 -15.12 -9.00
CA PHE A 348 2.71 -16.23 -8.30
C PHE A 348 2.56 -17.49 -9.16
N ALA A 349 1.86 -17.36 -10.28
CA ALA A 349 1.64 -18.49 -11.18
C ALA A 349 2.89 -18.86 -11.98
N GLY A 350 3.78 -17.89 -12.16
CA GLY A 350 5.01 -18.08 -12.94
C GLY A 350 4.68 -18.21 -14.42
N VAL A 351 3.69 -17.45 -14.86
CA VAL A 351 3.14 -17.56 -16.21
C VAL A 351 3.09 -16.20 -16.92
N ASP A 352 3.65 -16.16 -18.13
CA ASP A 352 3.59 -14.98 -18.99
C ASP A 352 2.17 -14.79 -19.50
N VAL A 353 1.62 -13.59 -19.32
CA VAL A 353 0.26 -13.28 -19.77
C VAL A 353 0.17 -13.18 -21.30
N THR A 354 1.30 -12.88 -21.94
CA THR A 354 1.36 -12.62 -23.38
C THR A 354 1.16 -13.89 -24.24
N LYS A 355 1.91 -14.94 -23.96
CA LYS A 355 1.87 -16.17 -24.76
C LYS A 355 1.34 -17.40 -24.01
N GLU A 356 0.79 -17.19 -22.82
CA GLU A 356 0.23 -18.28 -22.02
C GLU A 356 -1.04 -17.86 -21.28
N PRO A 357 -2.07 -18.75 -21.24
CA PRO A 357 -3.26 -18.52 -20.43
C PRO A 357 -2.99 -18.69 -18.93
N ILE A 358 -3.84 -18.09 -18.10
CA ILE A 358 -3.64 -18.07 -16.64
C ILE A 358 -4.59 -19.04 -15.93
N PRO A 359 -4.06 -19.86 -15.00
CA PRO A 359 -4.89 -20.74 -14.18
C PRO A 359 -5.83 -19.97 -13.25
N VAL A 360 -7.14 -20.18 -13.44
CA VAL A 360 -8.17 -19.53 -12.61
C VAL A 360 -9.06 -20.54 -11.88
N LEU A 361 -9.54 -20.14 -10.70
CA LEU A 361 -10.39 -20.97 -9.86
C LEU A 361 -11.32 -20.09 -9.03
N PRO A 362 -12.62 -20.43 -8.99
CA PRO A 362 -13.61 -19.70 -8.19
C PRO A 362 -13.24 -19.67 -6.70
N THR A 363 -13.04 -18.47 -6.18
CA THR A 363 -12.69 -18.28 -4.77
C THR A 363 -13.58 -17.22 -4.14
N VAL A 364 -13.69 -17.27 -2.81
CA VAL A 364 -14.49 -16.31 -2.05
C VAL A 364 -13.95 -14.89 -2.23
N HIS A 365 -14.84 -13.98 -2.64
CA HIS A 365 -14.44 -12.62 -2.99
C HIS A 365 -15.19 -11.57 -2.18
N TYR A 366 -16.49 -11.47 -2.40
CA TYR A 366 -17.28 -10.38 -1.84
C TYR A 366 -18.35 -10.84 -0.86
N ASN A 367 -18.66 -9.96 0.10
CA ASN A 367 -19.73 -10.18 1.06
C ASN A 367 -20.79 -9.08 0.98
N MET A 368 -21.85 -9.34 0.23
CA MET A 368 -22.97 -8.39 0.13
C MET A 368 -23.77 -8.31 1.43
N GLY A 369 -23.70 -9.38 2.22
CA GLY A 369 -24.28 -9.39 3.56
C GLY A 369 -23.40 -8.67 4.56
N GLY A 370 -24.01 -8.23 5.66
CA GLY A 370 -23.29 -7.50 6.69
C GLY A 370 -24.22 -6.86 7.71
N ILE A 371 -24.09 -5.55 7.88
CA ILE A 371 -24.91 -4.80 8.83
C ILE A 371 -26.04 -4.07 8.12
N PRO A 372 -27.31 -4.41 8.44
CA PRO A 372 -28.51 -3.80 7.82
C PRO A 372 -28.42 -2.29 7.77
N THR A 373 -28.69 -1.70 6.61
CA THR A 373 -28.51 -0.27 6.40
C THR A 373 -29.63 0.40 5.60
N ASN A 374 -30.12 1.50 6.17
CA ASN A 374 -31.02 2.43 5.49
C ASN A 374 -30.19 3.29 4.52
N TYR A 375 -30.73 3.57 3.34
CA TYR A 375 -29.98 4.26 2.27
C TYR A 375 -29.17 5.50 2.71
N LYS A 376 -29.57 6.11 3.82
CA LYS A 376 -28.84 7.23 4.41
C LYS A 376 -27.54 6.81 5.09
N GLY A 377 -27.34 5.50 5.21
CA GLY A 377 -26.17 4.94 5.90
C GLY A 377 -26.50 4.45 7.30
N GLN A 378 -27.73 4.66 7.72
CA GLN A 378 -28.18 4.34 9.08
C GLN A 378 -28.31 2.84 9.32
N VAL A 379 -27.84 2.39 10.47
CA VAL A 379 -27.97 0.98 10.87
C VAL A 379 -29.38 0.70 11.38
N LEU A 380 -30.03 -0.31 10.81
CA LEU A 380 -31.38 -0.70 11.19
C LEU A 380 -31.39 -1.97 12.02
N ARG A 381 -32.23 -2.01 13.04
CA ARG A 381 -32.55 -3.24 13.75
C ARG A 381 -34.01 -3.63 13.45
N HIS A 382 -34.40 -4.84 13.83
CA HIS A 382 -35.75 -5.32 13.55
C HIS A 382 -36.64 -5.31 14.78
N VAL A 383 -37.45 -4.24 14.89
CA VAL A 383 -38.39 -4.10 15.99
C VAL A 383 -39.81 -4.35 15.49
N ASN A 384 -40.50 -5.28 16.15
CA ASN A 384 -41.91 -5.59 15.90
C ASN A 384 -42.22 -5.95 14.44
N GLY A 385 -41.28 -6.64 13.80
CA GLY A 385 -41.41 -7.03 12.39
C GLY A 385 -41.36 -5.84 11.45
N GLN A 386 -40.67 -4.79 11.87
CA GLN A 386 -40.57 -3.54 11.11
C GLN A 386 -39.14 -3.00 11.14
N ASP A 387 -38.94 -1.81 10.56
CA ASP A 387 -37.62 -1.20 10.52
C ASP A 387 -37.49 -0.03 11.49
N GLN A 388 -36.60 -0.19 12.48
CA GLN A 388 -36.31 0.84 13.46
C GLN A 388 -34.82 1.17 13.40
N VAL A 389 -34.50 2.45 13.51
CA VAL A 389 -33.11 2.92 13.43
C VAL A 389 -32.42 2.87 14.79
N VAL A 390 -31.17 2.41 14.79
CA VAL A 390 -30.31 2.48 15.97
C VAL A 390 -29.67 3.87 15.96
N PRO A 391 -30.05 4.73 16.93
CA PRO A 391 -29.58 6.12 16.93
C PRO A 391 -28.08 6.24 17.16
N GLY A 392 -27.42 7.00 16.29
CA GLY A 392 -25.98 7.25 16.39
C GLY A 392 -25.10 6.11 15.94
N LEU A 393 -25.65 5.22 15.12
CA LEU A 393 -24.88 4.09 14.57
C LEU A 393 -25.04 3.96 13.06
N TYR A 394 -23.92 3.93 12.35
CA TYR A 394 -23.88 3.90 10.90
C TYR A 394 -22.95 2.81 10.38
N ALA A 395 -23.14 2.45 9.12
CA ALA A 395 -22.27 1.48 8.44
C ALA A 395 -22.22 1.79 6.95
N CYS A 396 -21.02 1.72 6.37
CA CYS A 396 -20.83 1.97 4.94
C CYS A 396 -19.81 1.03 4.31
N GLY A 397 -20.01 0.71 3.04
CA GLY A 397 -19.09 -0.15 2.29
C GLY A 397 -19.46 -1.62 2.31
N GLU A 398 -18.43 -2.48 2.36
CA GLU A 398 -18.63 -3.94 2.38
C GLU A 398 -19.10 -4.44 3.74
N ALA A 399 -18.70 -3.75 4.80
CA ALA A 399 -19.16 -4.06 6.15
C ALA A 399 -20.68 -3.91 6.26
N ALA A 400 -21.19 -2.87 5.61
CA ALA A 400 -22.62 -2.57 5.62
C ALA A 400 -23.43 -3.58 4.79
N CYS A 401 -24.75 -3.48 4.91
CA CYS A 401 -25.68 -4.20 4.08
C CYS A 401 -26.92 -3.34 3.86
N ALA A 402 -26.80 -2.38 2.95
CA ALA A 402 -27.94 -1.63 2.45
C ALA A 402 -28.65 -2.50 1.42
N SER A 403 -27.99 -3.61 1.09
CA SER A 403 -28.37 -4.49 0.00
C SER A 403 -28.56 -3.71 -1.30
N VAL A 404 -27.50 -2.99 -1.65
CA VAL A 404 -27.39 -2.34 -2.94
C VAL A 404 -26.87 -3.39 -3.92
N HIS A 405 -26.38 -4.50 -3.38
CA HIS A 405 -25.91 -5.65 -4.14
C HIS A 405 -26.89 -6.82 -4.04
N GLY A 406 -27.58 -6.91 -2.90
CA GLY A 406 -28.60 -7.93 -2.68
C GLY A 406 -28.09 -9.36 -2.68
N ALA A 407 -28.40 -10.10 -3.75
CA ALA A 407 -28.03 -11.51 -3.89
C ALA A 407 -26.75 -11.71 -4.69
N ASN A 408 -26.41 -10.72 -5.53
CA ASN A 408 -25.17 -10.73 -6.30
C ASN A 408 -24.71 -9.31 -6.65
N ARG A 409 -23.50 -8.97 -6.24
CA ARG A 409 -22.89 -7.70 -6.58
C ARG A 409 -22.56 -7.66 -8.08
N LEU A 410 -22.79 -6.50 -8.70
CA LEU A 410 -22.49 -6.32 -10.11
C LEU A 410 -21.00 -6.02 -10.33
N GLY A 411 -20.60 -5.91 -11.60
CA GLY A 411 -19.21 -5.68 -11.96
C GLY A 411 -18.68 -4.33 -11.51
N ALA A 412 -17.72 -4.37 -10.58
CA ALA A 412 -17.06 -3.16 -10.06
C ALA A 412 -18.01 -2.14 -9.45
N ASN A 413 -18.93 -2.63 -8.61
CA ASN A 413 -19.89 -1.76 -7.91
C ASN A 413 -19.52 -1.51 -6.44
N SER A 414 -18.53 -2.24 -5.95
CA SER A 414 -18.11 -2.10 -4.55
C SER A 414 -17.30 -0.83 -4.31
N LEU A 415 -16.44 -0.48 -5.27
CA LEU A 415 -15.70 0.77 -5.19
C LEU A 415 -16.64 1.97 -5.34
N LEU A 416 -17.80 1.73 -5.92
CA LEU A 416 -18.88 2.71 -5.95
C LEU A 416 -19.62 2.73 -4.61
N ASP A 417 -19.80 1.54 -4.04
CA ASP A 417 -20.42 1.36 -2.73
C ASP A 417 -19.75 2.23 -1.65
N LEU A 418 -18.41 2.24 -1.64
CA LEU A 418 -17.66 2.98 -0.62
C LEU A 418 -17.86 4.49 -0.74
N VAL A 419 -17.54 5.04 -1.92
CA VAL A 419 -17.52 6.48 -2.15
C VAL A 419 -18.90 7.14 -1.99
N VAL A 420 -19.94 6.41 -2.38
CA VAL A 420 -21.31 6.93 -2.31
C VAL A 420 -21.93 6.82 -0.92
N PHE A 421 -21.80 5.65 -0.29
CA PHE A 421 -22.40 5.42 1.02
C PHE A 421 -21.51 5.87 2.18
N GLY A 422 -20.24 6.11 1.89
CA GLY A 422 -19.34 6.80 2.81
C GLY A 422 -19.67 8.27 2.82
N ARG A 423 -20.09 8.78 1.66
CA ARG A 423 -20.56 10.15 1.50
C ARG A 423 -21.87 10.35 2.27
N ALA A 424 -22.75 9.35 2.17
CA ALA A 424 -24.07 9.41 2.80
C ALA A 424 -24.01 9.43 4.33
N CYS A 425 -23.06 8.68 4.90
CA CYS A 425 -22.87 8.64 6.34
C CYS A 425 -22.48 10.00 6.91
N ALA A 426 -21.67 10.74 6.14
CA ALA A 426 -21.27 12.09 6.52
C ALA A 426 -22.46 13.06 6.44
N LEU A 427 -23.19 13.01 5.31
CA LEU A 427 -24.32 13.89 5.06
C LEU A 427 -25.50 13.66 6.00
N SER A 428 -25.69 12.41 6.41
CA SER A 428 -26.81 12.04 7.29
C SER A 428 -26.54 12.38 8.75
N ILE A 429 -25.27 12.60 9.09
CA ILE A 429 -24.88 13.10 10.41
C ILE A 429 -24.93 14.63 10.41
N ALA A 430 -24.44 15.24 9.33
CA ALA A 430 -24.39 16.69 9.18
C ALA A 430 -25.77 17.34 9.07
N GLU A 431 -26.79 16.54 8.76
CA GLU A 431 -28.16 17.04 8.64
C GLU A 431 -29.00 16.76 9.88
N SER A 432 -28.64 15.72 10.64
CA SER A 432 -29.38 15.34 11.84
C SER A 432 -28.89 16.07 13.09
N CYS A 433 -27.57 16.11 13.27
CA CYS A 433 -26.97 16.80 14.43
C CYS A 433 -25.88 17.80 14.02
N ARG A 434 -25.40 18.56 14.99
CA ARG A 434 -24.39 19.59 14.77
C ARG A 434 -23.06 19.25 15.45
N PRO A 435 -21.94 19.84 14.97
CA PRO A 435 -20.67 19.66 15.68
C PRO A 435 -20.67 20.43 16.99
N GLY A 436 -20.10 19.83 18.04
CA GLY A 436 -20.07 20.44 19.36
C GLY A 436 -21.35 20.24 20.15
N ASP A 437 -22.24 19.41 19.62
CA ASP A 437 -23.49 19.04 20.29
C ASP A 437 -23.17 18.12 21.47
N LYS A 438 -24.11 18.01 22.41
CA LYS A 438 -23.92 17.18 23.60
C LYS A 438 -23.55 15.74 23.23
N VAL A 439 -22.28 15.42 23.41
CA VAL A 439 -21.77 14.06 23.20
C VAL A 439 -22.18 13.22 24.41
N PRO A 440 -23.06 12.21 24.19
CA PRO A 440 -23.62 11.43 25.28
C PRO A 440 -22.58 10.61 26.02
N SER A 441 -22.61 10.69 27.35
CA SER A 441 -21.58 10.06 28.19
C SER A 441 -21.91 8.62 28.57
N ILE A 442 -20.93 7.74 28.39
CA ILE A 442 -21.05 6.33 28.74
C ILE A 442 -20.82 6.13 30.25
N LYS A 443 -21.22 4.96 30.76
CA LYS A 443 -20.99 4.58 32.15
C LYS A 443 -19.49 4.43 32.41
N PRO A 444 -19.03 4.79 33.63
CA PRO A 444 -17.62 4.62 34.00
C PRO A 444 -17.17 3.16 34.05
N ASN A 445 -18.09 2.23 33.85
CA ASN A 445 -17.79 0.80 33.86
C ASN A 445 -17.91 0.13 32.49
N ALA A 446 -18.84 0.62 31.67
CA ALA A 446 -19.15 0.01 30.37
C ALA A 446 -17.93 -0.25 29.50
N GLY A 447 -17.92 -1.43 28.87
CA GLY A 447 -16.77 -1.90 28.10
C GLY A 447 -15.92 -2.87 28.88
N GLU A 448 -16.35 -3.18 30.11
CA GLU A 448 -15.61 -4.03 31.03
C GLU A 448 -15.52 -5.48 30.53
N GLU A 449 -16.58 -5.96 29.89
CA GLU A 449 -16.64 -7.33 29.39
C GLU A 449 -15.81 -7.56 28.13
N SER A 450 -15.48 -6.47 27.43
CA SER A 450 -14.56 -6.53 26.29
C SER A 450 -13.13 -6.70 26.79
N VAL A 451 -12.83 -6.02 27.89
CA VAL A 451 -11.52 -6.09 28.55
C VAL A 451 -11.34 -7.46 29.22
N MET A 452 -12.41 -7.97 29.82
CA MET A 452 -12.38 -9.28 30.48
C MET A 452 -12.25 -10.44 29.48
N ASN A 453 -12.89 -10.30 28.33
CA ASN A 453 -12.72 -11.23 27.21
C ASN A 453 -11.28 -11.18 26.67
N LEU A 454 -10.73 -9.97 26.62
CA LEU A 454 -9.34 -9.73 26.22
C LEU A 454 -8.37 -10.35 27.22
N ASP A 455 -8.69 -10.23 28.52
CA ASP A 455 -7.81 -10.69 29.60
C ASP A 455 -7.84 -12.20 29.79
N LYS A 456 -8.96 -12.84 29.46
CA LYS A 456 -9.06 -14.29 29.47
C LYS A 456 -8.25 -14.89 28.33
N LEU A 457 -8.21 -14.17 27.21
CA LEU A 457 -7.41 -14.55 26.04
C LEU A 457 -5.92 -14.28 26.23
N ARG A 458 -5.61 -13.36 27.15
CA ARG A 458 -4.23 -12.95 27.43
C ARG A 458 -3.39 -14.12 27.94
N PHE A 459 -3.98 -14.94 28.81
CA PHE A 459 -3.34 -16.16 29.31
C PHE A 459 -4.13 -17.40 28.89
N ALA A 460 -4.60 -17.41 27.64
CA ALA A 460 -5.44 -18.50 27.13
C ALA A 460 -4.69 -19.84 27.09
N ASN A 461 -5.08 -20.73 27.98
CA ASN A 461 -4.45 -22.04 28.11
C ASN A 461 -5.43 -23.15 27.74
N GLY A 462 -4.97 -24.09 26.91
CA GLY A 462 -5.81 -25.21 26.46
C GLY A 462 -5.09 -26.13 25.49
N THR A 463 -5.87 -26.92 24.76
CA THR A 463 -5.34 -27.94 23.86
C THR A 463 -5.25 -27.45 22.41
N ILE A 464 -6.39 -27.01 21.87
CA ILE A 464 -6.47 -26.61 20.46
C ILE A 464 -5.87 -25.22 20.24
N ARG A 465 -4.89 -25.16 19.34
CA ARG A 465 -4.18 -23.92 19.04
C ARG A 465 -5.10 -22.90 18.35
N THR A 466 -4.83 -21.62 18.57
CA THR A 466 -5.59 -20.53 17.95
C THR A 466 -5.51 -20.61 16.42
N SER A 467 -4.31 -20.85 15.92
CA SER A 467 -4.05 -20.97 14.50
C SER A 467 -4.68 -22.24 13.91
N GLU A 468 -4.72 -23.30 14.71
CA GLU A 468 -5.23 -24.60 14.28
C GLU A 468 -6.75 -24.59 14.14
N LEU A 469 -7.42 -23.85 15.02
CA LEU A 469 -8.88 -23.73 15.00
C LEU A 469 -9.39 -22.94 13.79
N ARG A 470 -8.63 -21.91 13.41
CA ARG A 470 -8.90 -21.13 12.20
C ARG A 470 -8.83 -22.02 10.96
N LEU A 471 -7.82 -22.88 10.94
CA LEU A 471 -7.59 -23.83 9.84
C LEU A 471 -8.64 -24.94 9.83
N SER A 472 -9.23 -25.20 11.00
CA SER A 472 -10.31 -26.18 11.14
C SER A 472 -11.66 -25.56 10.78
N MET A 473 -11.73 -24.23 10.81
CA MET A 473 -12.94 -23.49 10.44
C MET A 473 -12.98 -23.23 8.93
N GLN A 474 -11.82 -22.89 8.36
CA GLN A 474 -11.69 -22.56 6.94
C GLN A 474 -12.05 -23.74 6.02
N LYS A 475 -11.61 -24.94 6.38
CA LYS A 475 -11.91 -26.14 5.61
C LYS A 475 -13.34 -26.64 5.81
N SER A 476 -13.95 -26.26 6.94
CA SER A 476 -15.33 -26.62 7.25
C SER A 476 -16.33 -25.80 6.42
N MET A 477 -15.93 -24.58 6.08
CA MET A 477 -16.75 -23.71 5.24
C MET A 477 -16.52 -24.02 3.77
N GLN A 478 -15.28 -24.33 3.41
CA GLN A 478 -14.89 -24.57 2.01
C GLN A 478 -15.50 -25.85 1.45
N SER A 479 -15.63 -26.87 2.30
CA SER A 479 -16.18 -28.16 1.88
C SER A 479 -17.71 -28.19 1.91
N HIS A 480 -18.30 -27.51 2.89
CA HIS A 480 -19.75 -27.52 3.08
C HIS A 480 -20.48 -26.39 2.35
N ALA A 481 -20.18 -25.15 2.74
CA ALA A 481 -20.87 -23.98 2.19
C ALA A 481 -20.12 -23.35 1.01
N ALA A 482 -19.75 -24.19 0.03
CA ALA A 482 -19.02 -23.75 -1.16
C ALA A 482 -19.93 -23.09 -2.19
N VAL A 483 -19.58 -23.22 -3.46
CA VAL A 483 -20.35 -22.66 -4.58
C VAL A 483 -21.75 -23.31 -4.65
N PHE A 484 -21.77 -24.63 -4.57
CA PHE A 484 -23.03 -25.38 -4.49
C PHE A 484 -23.14 -26.05 -3.13
N ARG A 485 -24.36 -26.08 -2.60
CA ARG A 485 -24.62 -26.66 -1.27
C ARG A 485 -26.01 -27.29 -1.19
N VAL A 486 -26.06 -28.55 -0.79
CA VAL A 486 -27.32 -29.27 -0.57
C VAL A 486 -27.74 -29.20 0.90
N GLY A 487 -29.00 -29.53 1.16
CA GLY A 487 -29.55 -29.49 2.52
C GLY A 487 -28.81 -30.35 3.52
N SER A 488 -28.53 -31.60 3.12
CA SER A 488 -27.87 -32.58 3.99
C SER A 488 -26.42 -32.22 4.33
N VAL A 489 -25.69 -31.67 3.36
CA VAL A 489 -24.30 -31.28 3.58
C VAL A 489 -24.20 -30.01 4.44
N LEU A 490 -25.23 -29.16 4.37
CA LEU A 490 -25.29 -27.96 5.19
C LEU A 490 -25.69 -28.28 6.63
N GLN A 491 -26.57 -29.28 6.79
CA GLN A 491 -27.02 -29.72 8.12
C GLN A 491 -25.89 -30.28 8.97
N GLU A 492 -24.99 -31.05 8.35
CA GLU A 492 -23.81 -31.55 9.05
C GLU A 492 -22.77 -30.44 9.21
N GLY A 493 -22.79 -29.47 8.29
CA GLY A 493 -21.89 -28.32 8.33
C GLY A 493 -22.24 -27.35 9.45
N CYS A 494 -23.53 -27.20 9.71
CA CYS A 494 -24.04 -26.27 10.73
C CYS A 494 -23.67 -26.69 12.15
N GLU A 495 -23.81 -27.98 12.45
CA GLU A 495 -23.41 -28.52 13.75
C GLU A 495 -21.90 -28.61 13.89
N LYS A 496 -21.20 -28.64 12.75
CA LYS A 496 -19.74 -28.70 12.72
C LYS A 496 -19.11 -27.36 13.10
N ILE A 497 -19.75 -26.27 12.69
CA ILE A 497 -19.32 -24.92 13.05
C ILE A 497 -19.70 -24.61 14.50
N LEU A 498 -20.84 -25.15 14.94
CA LEU A 498 -21.28 -25.03 16.34
C LEU A 498 -20.37 -25.81 17.29
N ARG A 499 -19.78 -26.89 16.78
CA ARG A 499 -18.77 -27.66 17.51
C ARG A 499 -17.53 -26.80 17.81
N LEU A 500 -17.08 -26.07 16.78
CA LEU A 500 -15.86 -25.26 16.87
C LEU A 500 -16.03 -24.03 17.76
N TYR A 501 -17.27 -23.57 17.92
CA TYR A 501 -17.57 -22.44 18.80
C TYR A 501 -17.49 -22.85 20.28
N GLY A 502 -17.65 -24.15 20.52
CA GLY A 502 -17.47 -24.71 21.86
C GLY A 502 -15.99 -24.84 22.23
N ASP A 503 -15.14 -24.82 21.20
CA ASP A 503 -13.70 -24.94 21.37
C ASP A 503 -13.02 -23.57 21.48
N LEU A 504 -13.65 -22.65 22.22
CA LEU A 504 -13.12 -21.30 22.40
C LEU A 504 -12.52 -21.07 23.79
N GLN A 505 -12.83 -21.96 24.73
CA GLN A 505 -12.18 -21.95 26.04
C GLN A 505 -11.01 -22.91 26.06
N HIS A 506 -11.03 -23.88 25.16
CA HIS A 506 -9.97 -24.87 25.04
C HIS A 506 -8.84 -24.42 24.11
N LEU A 507 -8.95 -23.20 23.58
CA LEU A 507 -7.93 -22.67 22.67
C LEU A 507 -6.64 -22.25 23.40
N LYS A 508 -5.52 -22.42 22.71
CA LYS A 508 -4.21 -22.10 23.28
C LYS A 508 -3.56 -20.91 22.60
N THR A 509 -3.26 -19.89 23.39
CA THR A 509 -2.48 -18.75 22.94
C THR A 509 -1.08 -18.87 23.53
N PHE A 510 -0.07 -18.27 22.89
CA PHE A 510 1.31 -18.39 23.36
C PHE A 510 1.95 -17.08 23.81
N ASP A 511 2.00 -16.08 22.92
CA ASP A 511 2.58 -14.79 23.27
C ASP A 511 1.75 -14.08 24.32
N ARG A 512 2.39 -13.70 25.42
CA ARG A 512 1.69 -13.11 26.56
C ARG A 512 2.25 -11.74 26.93
N GLY A 513 2.59 -10.95 25.91
CA GLY A 513 3.09 -9.59 26.11
C GLY A 513 2.00 -8.55 25.98
N MET A 514 2.41 -7.28 25.95
CA MET A 514 1.48 -6.16 25.79
C MET A 514 1.67 -5.43 24.47
N VAL A 515 2.93 -5.25 24.08
CA VAL A 515 3.29 -4.56 22.85
C VAL A 515 3.14 -5.49 21.65
N TRP A 516 2.48 -5.00 20.60
CA TRP A 516 2.30 -5.71 19.32
C TRP A 516 2.05 -7.21 19.44
N ASN A 517 1.05 -7.56 20.25
CA ASN A 517 0.66 -8.95 20.43
C ASN A 517 -0.20 -9.41 19.26
N THR A 518 0.46 -9.74 18.14
CA THR A 518 -0.23 -10.23 16.94
C THR A 518 -0.86 -11.61 17.16
N ASP A 519 -0.35 -12.32 18.17
CA ASP A 519 -0.92 -13.60 18.61
C ASP A 519 -2.30 -13.39 19.23
N LEU A 520 -2.45 -12.31 19.99
CA LEU A 520 -3.70 -12.00 20.69
C LEU A 520 -4.80 -11.51 19.75
N VAL A 521 -4.42 -10.67 18.78
CA VAL A 521 -5.38 -10.11 17.82
C VAL A 521 -5.90 -11.14 16.82
N GLU A 522 -5.11 -12.17 16.55
CA GLU A 522 -5.55 -13.30 15.73
C GLU A 522 -6.69 -14.06 16.40
N THR A 523 -6.61 -14.19 17.72
CA THR A 523 -7.65 -14.85 18.51
C THR A 523 -8.91 -13.97 18.57
N LEU A 524 -8.70 -12.66 18.63
CA LEU A 524 -9.79 -11.68 18.56
C LEU A 524 -10.44 -11.71 17.18
N GLU A 525 -9.63 -11.84 16.14
CA GLU A 525 -10.11 -11.99 14.78
C GLU A 525 -10.88 -13.31 14.63
N LEU A 526 -10.39 -14.36 15.28
CA LEU A 526 -11.04 -15.68 15.26
C LEU A 526 -12.42 -15.64 15.90
N GLN A 527 -12.55 -14.91 17.00
CA GLN A 527 -13.85 -14.67 17.63
C GLN A 527 -14.80 -14.01 16.64
N ASN A 528 -14.29 -12.99 15.94
CA ASN A 528 -15.04 -12.26 14.93
C ASN A 528 -15.33 -13.10 13.68
N LEU A 529 -14.41 -14.01 13.35
CA LEU A 529 -14.58 -14.90 12.21
C LEU A 529 -15.64 -15.98 12.45
N MET A 530 -15.67 -16.52 13.67
CA MET A 530 -16.68 -17.49 14.07
C MET A 530 -18.07 -16.86 14.09
N LEU A 531 -18.16 -15.66 14.68
CA LEU A 531 -19.40 -14.89 14.73
C LEU A 531 -19.93 -14.53 13.34
N CYS A 532 -19.04 -14.48 12.36
CA CYS A 532 -19.42 -14.28 10.97
C CYS A 532 -19.76 -15.59 10.29
N ALA A 533 -19.08 -16.67 10.71
CA ALA A 533 -19.27 -17.99 10.11
C ALA A 533 -20.61 -18.63 10.46
N LEU A 534 -20.94 -18.65 11.75
CA LEU A 534 -22.18 -19.27 12.24
C LEU A 534 -23.45 -18.76 11.56
N GLN A 535 -23.44 -17.50 11.14
CA GLN A 535 -24.60 -16.87 10.54
C GLN A 535 -24.58 -16.99 9.02
N THR A 536 -23.40 -17.25 8.46
CA THR A 536 -23.26 -17.53 7.04
C THR A 536 -23.77 -18.94 6.73
N ILE A 537 -23.54 -19.86 7.67
CA ILE A 537 -23.88 -21.28 7.48
C ILE A 537 -25.35 -21.61 7.86
N TYR A 538 -25.82 -21.08 8.99
CA TYR A 538 -27.20 -21.29 9.44
C TYR A 538 -28.20 -20.57 8.56
N GLY A 539 -27.79 -19.42 8.03
CA GLY A 539 -28.62 -18.65 7.10
C GLY A 539 -28.73 -19.32 5.74
N ALA A 540 -27.68 -20.06 5.37
CA ALA A 540 -27.63 -20.77 4.10
C ALA A 540 -28.50 -22.02 4.12
N GLU A 541 -28.50 -22.73 5.25
CA GLU A 541 -29.30 -23.94 5.41
C GLU A 541 -30.78 -23.60 5.54
N ALA A 542 -31.08 -22.40 6.01
CA ALA A 542 -32.44 -21.92 6.18
C ALA A 542 -33.07 -21.55 4.82
N ARG A 543 -32.29 -20.88 3.98
CA ARG A 543 -32.75 -20.46 2.66
C ARG A 543 -32.97 -21.66 1.76
N LYS A 544 -34.22 -21.86 1.35
CA LYS A 544 -34.61 -23.00 0.54
C LYS A 544 -34.97 -22.57 -0.88
N GLU A 545 -33.98 -21.99 -1.57
CA GLU A 545 -34.12 -21.52 -2.95
C GLU A 545 -32.74 -21.29 -3.57
N SER A 546 -32.71 -21.09 -4.88
CA SER A 546 -31.50 -20.68 -5.58
C SER A 546 -31.64 -19.22 -6.03
N ARG A 547 -30.94 -18.34 -5.34
CA ARG A 547 -30.99 -16.90 -5.63
C ARG A 547 -29.58 -16.31 -5.73
N GLY A 548 -29.24 -15.82 -6.92
CA GLY A 548 -27.95 -15.18 -7.17
C GLY A 548 -26.77 -16.09 -6.88
N ALA A 549 -25.92 -15.65 -5.94
CA ALA A 549 -24.73 -16.41 -5.54
C ALA A 549 -25.09 -17.65 -4.72
N HIS A 550 -26.23 -17.60 -4.04
CA HIS A 550 -26.74 -18.74 -3.29
C HIS A 550 -27.47 -19.68 -4.24
N ALA A 551 -26.97 -20.90 -4.37
CA ALA A 551 -27.57 -21.91 -5.25
C ALA A 551 -27.75 -23.24 -4.54
N ARG A 552 -29.01 -23.56 -4.22
CA ARG A 552 -29.36 -24.84 -3.63
C ARG A 552 -29.72 -25.85 -4.71
N GLU A 553 -29.11 -27.03 -4.63
CA GLU A 553 -29.37 -28.10 -5.60
C GLU A 553 -30.71 -28.79 -5.33
N ASP A 554 -31.19 -28.69 -4.09
CA ASP A 554 -32.51 -29.22 -3.70
C ASP A 554 -33.60 -28.33 -4.27
N PHE A 555 -33.38 -27.02 -4.16
CA PHE A 555 -34.35 -26.02 -4.62
C PHE A 555 -33.67 -25.07 -5.61
N LYS A 556 -33.62 -25.48 -6.88
CA LYS A 556 -33.10 -24.62 -7.95
C LYS A 556 -34.13 -23.57 -8.38
N GLU A 557 -35.27 -23.56 -7.69
CA GLU A 557 -36.34 -22.61 -7.95
C GLU A 557 -36.04 -21.25 -7.35
N ARG A 558 -36.34 -20.19 -8.10
CA ARG A 558 -36.21 -18.83 -7.62
C ARG A 558 -37.56 -18.44 -6.99
N VAL A 559 -37.70 -18.71 -5.70
CA VAL A 559 -38.96 -18.54 -4.98
C VAL A 559 -39.24 -17.07 -4.66
N ASP A 560 -40.27 -16.52 -5.30
CA ASP A 560 -40.69 -15.13 -5.08
C ASP A 560 -42.12 -15.10 -4.55
N GLU A 561 -42.70 -13.90 -4.46
CA GLU A 561 -44.10 -13.74 -4.06
C GLU A 561 -45.03 -14.17 -5.20
N TYR A 562 -44.51 -14.14 -6.42
CA TYR A 562 -45.23 -14.57 -7.61
C TYR A 562 -44.35 -15.47 -8.49
N ASP A 563 -44.99 -16.29 -9.31
CA ASP A 563 -44.29 -16.98 -10.39
C ASP A 563 -44.24 -16.02 -11.57
N TYR A 564 -43.05 -15.47 -11.83
CA TYR A 564 -42.89 -14.41 -12.81
C TYR A 564 -42.67 -14.90 -14.25
N SER A 565 -43.07 -16.13 -14.52
CA SER A 565 -43.03 -16.69 -15.87
C SER A 565 -44.08 -16.02 -16.76
N LYS A 566 -45.33 -16.01 -16.29
CA LYS A 566 -46.43 -15.33 -16.96
C LYS A 566 -46.87 -14.11 -16.12
N PRO A 567 -47.63 -13.16 -16.74
CA PRO A 567 -48.02 -11.92 -16.04
C PRO A 567 -48.75 -12.16 -14.72
N ILE A 568 -48.58 -11.25 -13.77
CA ILE A 568 -49.13 -11.38 -12.42
C ILE A 568 -50.64 -11.09 -12.35
N GLN A 569 -51.36 -11.48 -13.40
CA GLN A 569 -52.79 -11.23 -13.52
C GLN A 569 -53.62 -11.96 -12.46
N GLY A 570 -53.95 -13.23 -12.73
CA GLY A 570 -54.76 -14.04 -11.82
C GLY A 570 -53.91 -15.01 -11.03
N GLN A 571 -53.00 -14.47 -10.22
CA GLN A 571 -52.11 -15.27 -9.40
C GLN A 571 -52.25 -14.90 -7.92
N GLN A 572 -52.21 -15.91 -7.06
CA GLN A 572 -52.33 -15.70 -5.62
C GLN A 572 -51.00 -15.23 -5.04
N LYS A 573 -51.04 -14.11 -4.33
CA LYS A 573 -49.86 -13.56 -3.67
C LYS A 573 -49.49 -14.43 -2.46
N LYS A 574 -48.25 -14.91 -2.45
CA LYS A 574 -47.77 -15.80 -1.40
C LYS A 574 -47.50 -15.04 -0.10
N PRO A 575 -47.93 -15.62 1.04
CA PRO A 575 -47.68 -15.05 2.38
C PRO A 575 -46.18 -14.85 2.66
N PHE A 576 -45.88 -14.05 3.68
CA PHE A 576 -44.51 -13.64 3.97
C PHE A 576 -43.58 -14.77 4.42
N GLN A 577 -44.12 -15.73 5.18
CA GLN A 577 -43.33 -16.90 5.59
C GLN A 577 -43.58 -18.12 4.69
N GLU A 578 -43.87 -17.85 3.41
CA GLU A 578 -44.05 -18.91 2.41
C GLU A 578 -42.99 -18.80 1.31
N HIS A 579 -42.63 -17.57 0.95
CA HIS A 579 -41.59 -17.34 -0.06
C HIS A 579 -40.23 -17.03 0.57
N TRP A 580 -39.28 -16.60 -0.25
CA TRP A 580 -37.91 -16.34 0.22
C TRP A 580 -37.30 -15.04 -0.30
N ARG A 581 -38.09 -14.24 -1.02
CA ARG A 581 -37.65 -12.92 -1.48
C ARG A 581 -37.70 -11.93 -0.32
N LYS A 582 -36.79 -12.14 0.62
CA LYS A 582 -36.71 -11.35 1.85
C LYS A 582 -35.30 -11.43 2.43
N HIS A 583 -34.92 -10.40 3.18
CA HIS A 583 -33.59 -10.35 3.78
C HIS A 583 -33.49 -11.28 4.98
N THR A 584 -32.42 -12.05 5.01
CA THR A 584 -32.15 -12.95 6.14
C THR A 584 -31.48 -12.18 7.27
N LEU A 585 -32.24 -11.92 8.34
CA LEU A 585 -31.70 -11.29 9.54
C LEU A 585 -31.28 -12.36 10.55
N SER A 586 -30.03 -12.28 10.98
CA SER A 586 -29.45 -13.31 11.85
C SER A 586 -28.92 -12.74 13.16
N TYR A 587 -29.27 -13.41 14.25
CA TYR A 587 -28.79 -13.10 15.60
C TYR A 587 -28.04 -14.32 16.12
N VAL A 588 -27.22 -14.12 17.16
CA VAL A 588 -26.54 -15.24 17.81
C VAL A 588 -26.26 -14.98 19.29
N ASP A 589 -26.62 -15.95 20.13
CA ASP A 589 -26.30 -15.92 21.55
C ASP A 589 -24.83 -16.28 21.73
N VAL A 590 -24.08 -15.39 22.38
CA VAL A 590 -22.63 -15.56 22.54
C VAL A 590 -22.29 -16.68 23.53
N LYS A 591 -23.16 -16.86 24.53
CA LYS A 591 -22.90 -17.79 25.64
C LYS A 591 -23.10 -19.26 25.31
N THR A 592 -23.93 -19.56 24.31
CA THR A 592 -24.16 -20.95 23.89
C THR A 592 -23.86 -21.18 22.40
N GLY A 593 -23.70 -20.09 21.65
CA GLY A 593 -23.49 -20.17 20.20
C GLY A 593 -24.77 -20.46 19.44
N LYS A 594 -25.91 -20.26 20.11
CA LYS A 594 -27.22 -20.53 19.51
C LYS A 594 -27.59 -19.44 18.50
N VAL A 595 -28.02 -19.88 17.32
CA VAL A 595 -28.42 -18.97 16.26
C VAL A 595 -29.95 -18.86 16.17
N SER A 596 -30.45 -17.64 16.35
CA SER A 596 -31.85 -17.31 16.07
C SER A 596 -31.88 -16.42 14.82
N LEU A 597 -32.96 -16.51 14.05
CA LEU A 597 -33.05 -15.77 12.79
C LEU A 597 -34.45 -15.32 12.40
N GLU A 598 -34.55 -14.07 11.95
CA GLU A 598 -35.80 -13.48 11.49
C GLU A 598 -35.67 -13.10 10.02
N TYR A 599 -36.72 -12.49 9.46
CA TYR A 599 -36.71 -12.05 8.06
C TYR A 599 -37.45 -10.72 7.88
N ARG A 600 -36.87 -9.82 7.10
CA ARG A 600 -37.49 -8.53 6.80
C ARG A 600 -37.66 -8.31 5.29
N PRO A 601 -38.69 -7.53 4.89
CA PRO A 601 -39.00 -7.32 3.48
C PRO A 601 -37.91 -6.61 2.70
N VAL A 602 -37.84 -6.90 1.40
CA VAL A 602 -37.00 -6.15 0.47
C VAL A 602 -37.72 -4.89 0.03
N ILE A 603 -36.96 -3.83 -0.24
CA ILE A 603 -37.54 -2.57 -0.68
C ILE A 603 -37.57 -2.51 -2.20
N ASP A 604 -38.78 -2.47 -2.76
CA ASP A 604 -38.98 -2.45 -4.21
C ASP A 604 -39.15 -1.04 -4.76
N LYS A 605 -39.61 -0.12 -3.92
CA LYS A 605 -39.82 1.28 -4.34
C LYS A 605 -38.48 2.01 -4.54
N THR A 606 -38.53 3.07 -5.34
CA THR A 606 -37.37 3.95 -5.54
C THR A 606 -37.54 5.21 -4.68
N LEU A 607 -36.58 6.13 -4.79
CA LEU A 607 -36.65 7.41 -4.08
C LEU A 607 -37.64 8.35 -4.77
N ASN A 608 -37.78 8.19 -6.09
CA ASN A 608 -38.74 8.95 -6.89
C ASN A 608 -39.20 8.10 -8.08
N GLU A 609 -40.41 7.57 -7.98
CA GLU A 609 -40.99 6.68 -9.00
C GLU A 609 -41.01 7.31 -10.40
N ALA A 610 -41.38 8.59 -10.45
CA ALA A 610 -41.49 9.33 -11.72
C ALA A 610 -40.14 9.50 -12.42
N ASP A 611 -39.09 9.76 -11.64
CA ASP A 611 -37.76 9.98 -12.18
C ASP A 611 -37.01 8.67 -12.43
N CYS A 612 -37.22 7.69 -11.56
CA CYS A 612 -36.59 6.37 -11.68
C CYS A 612 -37.62 5.28 -11.45
N ALA A 613 -37.93 4.53 -12.51
CA ALA A 613 -38.98 3.52 -12.47
C ALA A 613 -38.58 2.27 -11.70
N THR A 614 -39.53 1.77 -10.89
CA THR A 614 -39.37 0.49 -10.20
C THR A 614 -39.26 -0.63 -11.23
N VAL A 615 -38.28 -1.50 -11.04
CA VAL A 615 -38.09 -2.66 -11.90
C VAL A 615 -38.72 -3.89 -11.27
N PRO A 616 -39.83 -4.38 -11.86
CA PRO A 616 -40.51 -5.58 -11.35
C PRO A 616 -39.63 -6.82 -11.52
N PRO A 617 -39.74 -7.80 -10.60
CA PRO A 617 -38.98 -9.04 -10.70
C PRO A 617 -39.25 -9.79 -12.01
N ALA A 618 -38.24 -10.51 -12.50
CA ALA A 618 -38.34 -11.26 -13.75
C ALA A 618 -37.39 -12.44 -13.76
N ILE A 619 -37.61 -13.37 -14.70
CA ILE A 619 -36.71 -14.50 -14.91
C ILE A 619 -35.40 -13.94 -15.46
N ARG A 620 -34.39 -13.83 -14.61
CA ARG A 620 -33.12 -13.25 -15.02
C ARG A 620 -32.07 -14.29 -15.41
N SER A 621 -31.54 -14.12 -16.62
CA SER A 621 -30.46 -14.96 -17.13
C SER A 621 -29.66 -14.18 -18.15
N TYR A 622 -28.35 -14.12 -17.95
CA TYR A 622 -27.45 -13.38 -18.82
C TYR A 622 -27.00 -14.23 -20.01
N PRO B 9 11.56 -35.24 1.99
CA PRO B 9 11.59 -34.07 2.86
C PRO B 9 12.71 -33.09 2.48
N ARG B 10 12.53 -31.83 2.85
CA ARG B 10 13.50 -30.77 2.56
C ARG B 10 13.54 -29.73 3.68
N ILE B 11 14.72 -29.53 4.27
CA ILE B 11 14.87 -28.61 5.39
C ILE B 11 15.42 -27.25 4.94
N LYS B 12 14.79 -26.18 5.41
CA LYS B 12 15.24 -24.82 5.14
C LYS B 12 15.39 -24.03 6.44
N LYS B 13 16.54 -23.40 6.60
CA LYS B 13 16.88 -22.69 7.83
C LYS B 13 16.68 -21.18 7.65
N PHE B 14 15.99 -20.56 8.61
CA PHE B 14 15.75 -19.12 8.60
C PHE B 14 16.36 -18.44 9.82
N ALA B 15 17.19 -17.44 9.57
CA ALA B 15 17.77 -16.62 10.64
C ALA B 15 16.95 -15.35 10.80
N ILE B 16 16.11 -15.31 11.84
CA ILE B 16 15.18 -14.19 12.04
C ILE B 16 15.57 -13.33 13.24
N TYR B 17 15.51 -12.01 13.05
CA TYR B 17 15.75 -11.02 14.11
C TYR B 17 14.57 -11.03 15.08
N ARG B 18 14.88 -11.03 16.38
CA ARG B 18 13.85 -11.11 17.42
C ARG B 18 14.09 -10.09 18.53
N TRP B 19 13.00 -9.56 19.07
CA TRP B 19 13.04 -8.67 20.23
C TRP B 19 11.69 -8.58 20.94
N ASP B 20 11.73 -8.54 22.27
CA ASP B 20 10.52 -8.39 23.08
C ASP B 20 10.68 -7.26 24.09
N PRO B 21 9.83 -6.21 24.01
CA PRO B 21 9.94 -5.08 24.92
C PRO B 21 9.37 -5.38 26.30
N ASP B 22 8.48 -6.37 26.37
CA ASP B 22 7.80 -6.74 27.60
C ASP B 22 8.67 -7.59 28.53
N LYS B 23 9.60 -8.34 27.96
CA LYS B 23 10.58 -9.09 28.76
C LYS B 23 11.66 -8.14 29.28
N THR B 24 11.85 -8.16 30.60
CA THR B 24 12.81 -7.28 31.26
C THR B 24 14.25 -7.70 30.96
N GLY B 25 15.06 -6.72 30.56
CA GLY B 25 16.49 -6.95 30.29
C GLY B 25 16.78 -7.78 29.06
N ASP B 26 15.90 -7.67 28.05
CA ASP B 26 16.06 -8.42 26.81
C ASP B 26 16.70 -7.54 25.73
N LYS B 27 17.76 -8.07 25.12
CA LYS B 27 18.44 -7.37 24.01
C LYS B 27 18.32 -8.19 22.72
N PRO B 28 18.30 -7.50 21.55
CA PRO B 28 18.14 -8.12 20.24
C PRO B 28 18.99 -9.39 20.05
N HIS B 29 18.35 -10.46 19.60
CA HIS B 29 19.01 -11.74 19.39
C HIS B 29 18.38 -12.52 18.23
N MET B 30 19.22 -13.27 17.51
CA MET B 30 18.78 -14.05 16.36
C MET B 30 18.17 -15.37 16.79
N GLN B 31 17.28 -15.91 15.95
CA GLN B 31 16.62 -17.19 16.22
C GLN B 31 16.43 -17.98 14.94
N THR B 32 16.64 -19.30 15.03
CA THR B 32 16.57 -20.19 13.87
C THR B 32 15.26 -20.97 13.84
N TYR B 33 14.70 -21.12 12.65
CA TYR B 33 13.50 -21.94 12.43
C TYR B 33 13.70 -22.84 11.21
N GLU B 34 13.33 -24.12 11.34
CA GLU B 34 13.47 -25.08 10.25
C GLU B 34 12.12 -25.41 9.60
N ILE B 35 12.05 -25.20 8.28
CA ILE B 35 10.81 -25.35 7.52
C ILE B 35 10.94 -26.28 6.33
N ASP B 36 9.99 -27.20 6.20
CA ASP B 36 9.88 -28.04 5.01
C ASP B 36 9.27 -27.22 3.87
N LEU B 37 10.09 -26.94 2.87
CA LEU B 37 9.66 -26.17 1.69
C LEU B 37 8.59 -26.90 0.88
N ASN B 38 8.41 -28.19 1.15
CA ASN B 38 7.42 -29.01 0.48
C ASN B 38 6.00 -28.76 0.98
N ASN B 39 5.87 -28.58 2.29
CA ASN B 39 4.57 -28.30 2.93
C ASN B 39 4.35 -26.82 3.19
N CYS B 40 5.09 -25.98 2.47
CA CYS B 40 5.04 -24.53 2.64
C CYS B 40 4.98 -23.79 1.31
N GLY B 41 4.43 -22.59 1.33
CA GLY B 41 4.30 -21.76 0.13
C GLY B 41 5.63 -21.29 -0.44
N PRO B 42 5.62 -20.86 -1.72
CA PRO B 42 6.84 -20.49 -2.44
C PRO B 42 7.46 -19.16 -2.00
N MET B 43 6.77 -18.42 -1.14
CA MET B 43 7.22 -17.09 -0.74
C MET B 43 7.71 -17.03 0.71
N VAL B 44 8.50 -16.00 1.01
CA VAL B 44 9.07 -15.79 2.35
C VAL B 44 7.99 -15.62 3.41
N LEU B 45 6.98 -14.81 3.11
CA LEU B 45 5.86 -14.59 4.03
C LEU B 45 5.11 -15.89 4.35
N ASP B 46 4.96 -16.74 3.35
CA ASP B 46 4.35 -18.06 3.52
C ASP B 46 5.08 -18.88 4.58
N ALA B 47 6.39 -18.66 4.68
CA ALA B 47 7.21 -19.29 5.72
C ALA B 47 7.01 -18.60 7.07
N LEU B 48 7.06 -17.26 7.07
CA LEU B 48 6.87 -16.47 8.29
C LEU B 48 5.52 -16.73 8.95
N ILE B 49 4.49 -16.92 8.13
CA ILE B 49 3.16 -17.30 8.60
C ILE B 49 3.19 -18.72 9.19
N LYS B 50 3.86 -19.63 8.48
CA LYS B 50 3.94 -21.04 8.88
C LYS B 50 4.67 -21.23 10.21
N ILE B 51 5.79 -20.52 10.40
CA ILE B 51 6.56 -20.62 11.64
C ILE B 51 5.84 -19.97 12.82
N LYS B 52 4.84 -19.14 12.52
CA LYS B 52 4.04 -18.51 13.55
C LYS B 52 2.87 -19.41 13.94
N ASN B 53 2.12 -19.85 12.94
CA ASN B 53 0.93 -20.67 13.15
C ASN B 53 1.23 -22.04 13.76
N GLU B 54 2.31 -22.66 13.30
CA GLU B 54 2.66 -24.01 13.73
C GLU B 54 3.77 -24.05 14.77
N ILE B 55 4.91 -23.45 14.42
CA ILE B 55 6.13 -23.54 15.24
C ILE B 55 6.07 -22.67 16.49
N ASP B 56 5.96 -21.35 16.31
CA ASP B 56 6.01 -20.40 17.42
C ASP B 56 5.21 -19.13 17.13
N SER B 57 4.15 -18.91 17.90
CA SER B 57 3.30 -17.73 17.73
C SER B 57 3.76 -16.52 18.57
N THR B 58 5.07 -16.46 18.83
CA THR B 58 5.68 -15.31 19.50
C THR B 58 6.22 -14.33 18.45
N LEU B 59 6.44 -14.83 17.23
CA LEU B 59 6.93 -14.01 16.13
C LEU B 59 5.92 -12.93 15.74
N THR B 60 6.44 -11.74 15.45
CA THR B 60 5.61 -10.58 15.11
C THR B 60 6.05 -9.99 13.77
N PHE B 61 5.07 -9.64 12.94
CA PHE B 61 5.31 -8.96 11.66
C PHE B 61 4.01 -8.37 11.11
N ARG B 62 4.14 -7.56 10.06
CA ARG B 62 3.00 -6.92 9.42
C ARG B 62 2.67 -7.59 8.08
N ARG B 63 1.49 -8.20 8.00
CA ARG B 63 1.03 -8.84 6.78
C ARG B 63 -0.43 -8.51 6.51
N SER B 64 -0.82 -8.51 5.23
CA SER B 64 -2.20 -8.27 4.83
C SER B 64 -2.55 -8.87 3.47
N CYS B 65 -2.19 -8.17 2.40
CA CYS B 65 -2.61 -8.51 1.04
C CYS B 65 -1.98 -9.78 0.48
N ARG B 66 -0.84 -10.18 1.04
CA ARG B 66 -0.03 -11.32 0.56
C ARG B 66 0.13 -11.44 -0.97
N GLU B 67 -0.03 -10.32 -1.67
CA GLU B 67 0.11 -10.28 -3.13
C GLU B 67 1.07 -9.18 -3.63
N GLY B 68 1.36 -8.21 -2.78
CA GLY B 68 2.39 -7.21 -3.06
C GLY B 68 1.93 -5.83 -3.49
N ILE B 69 0.92 -5.30 -2.79
CA ILE B 69 0.44 -3.93 -3.05
C ILE B 69 0.12 -3.12 -1.78
N CYS B 70 0.05 -3.78 -0.62
CA CYS B 70 -0.25 -3.08 0.62
C CYS B 70 0.99 -2.53 1.33
N GLY B 71 2.12 -3.21 1.16
CA GLY B 71 3.41 -2.74 1.68
C GLY B 71 3.65 -2.94 3.16
N SER B 72 2.91 -3.87 3.76
CA SER B 72 3.07 -4.19 5.18
C SER B 72 4.33 -5.00 5.43
N CYS B 73 4.68 -5.87 4.49
CA CYS B 73 5.76 -6.85 4.68
C CYS B 73 7.18 -6.32 4.49
N ALA B 74 7.32 -5.01 4.31
CA ALA B 74 8.63 -4.39 4.10
C ALA B 74 9.65 -4.87 5.12
N MET B 75 10.56 -5.74 4.68
CA MET B 75 11.63 -6.25 5.56
C MET B 75 12.91 -6.58 4.78
N ASN B 76 14.00 -6.77 5.52
CA ASN B 76 15.32 -7.04 4.93
C ASN B 76 15.66 -8.52 4.84
N ILE B 77 15.23 -9.15 3.75
CA ILE B 77 15.56 -10.55 3.48
C ILE B 77 16.84 -10.68 2.66
N ASN B 78 17.85 -11.31 3.25
CA ASN B 78 19.15 -11.57 2.62
C ASN B 78 19.86 -10.33 2.06
N GLY B 79 19.88 -9.26 2.86
CA GLY B 79 20.64 -8.06 2.53
C GLY B 79 19.87 -6.96 1.84
N GLY B 80 18.72 -7.29 1.26
CA GLY B 80 17.90 -6.32 0.51
C GLY B 80 16.51 -6.14 1.08
N ASN B 81 15.98 -4.92 0.93
CA ASN B 81 14.64 -4.59 1.41
C ASN B 81 13.58 -4.78 0.32
N THR B 82 12.81 -5.86 0.44
CA THR B 82 11.67 -6.10 -0.46
C THR B 82 10.46 -6.57 0.34
N LEU B 83 9.38 -6.86 -0.37
CA LEU B 83 8.17 -7.39 0.24
C LEU B 83 8.31 -8.91 0.41
N ALA B 84 7.99 -9.38 1.61
CA ALA B 84 8.12 -10.80 1.95
C ALA B 84 7.14 -11.72 1.21
N CYS B 85 6.06 -11.14 0.70
CA CYS B 85 5.04 -11.89 -0.04
C CYS B 85 5.37 -12.04 -1.54
N THR B 86 6.41 -11.34 -1.99
CA THR B 86 6.82 -11.37 -3.39
C THR B 86 8.17 -12.08 -3.57
N ARG B 87 9.07 -11.89 -2.61
CA ARG B 87 10.38 -12.55 -2.63
C ARG B 87 10.23 -14.05 -2.38
N ARG B 88 10.64 -14.85 -3.35
CA ARG B 88 10.58 -16.31 -3.23
C ARG B 88 11.78 -16.87 -2.50
N ILE B 89 11.55 -17.95 -1.75
CA ILE B 89 12.57 -18.58 -0.90
C ILE B 89 13.67 -19.22 -1.72
N ASP B 90 14.91 -18.99 -1.30
CA ASP B 90 16.08 -19.62 -1.91
C ASP B 90 16.01 -21.14 -1.73
N THR B 91 15.78 -21.84 -2.83
CA THR B 91 15.66 -23.30 -2.84
C THR B 91 16.98 -23.99 -2.50
N ASN B 92 18.07 -23.21 -2.48
CA ASN B 92 19.38 -23.69 -2.04
C ASN B 92 19.36 -24.02 -0.55
N LEU B 93 19.28 -25.31 -0.25
CA LEU B 93 19.07 -25.81 1.12
C LEU B 93 20.30 -25.65 2.03
N ASP B 94 21.46 -25.43 1.42
CA ASP B 94 22.72 -25.28 2.17
C ASP B 94 22.98 -23.83 2.60
N LYS B 95 21.93 -22.99 2.57
CA LYS B 95 22.02 -21.62 3.02
C LYS B 95 20.94 -21.26 4.03
N VAL B 96 21.28 -20.38 4.97
CA VAL B 96 20.34 -19.87 5.95
C VAL B 96 19.92 -18.43 5.60
N SER B 97 18.66 -18.26 5.22
CA SER B 97 18.12 -16.96 4.84
C SER B 97 17.98 -16.03 6.03
N LYS B 98 18.64 -14.88 5.95
CA LYS B 98 18.62 -13.89 7.04
C LYS B 98 17.47 -12.90 6.90
N ILE B 99 16.65 -12.81 7.94
CA ILE B 99 15.50 -11.92 7.97
C ILE B 99 15.65 -10.87 9.08
N TYR B 100 15.67 -9.61 8.66
CA TYR B 100 15.83 -8.47 9.56
C TYR B 100 14.75 -7.42 9.28
N PRO B 101 14.51 -6.51 10.25
CA PRO B 101 13.61 -5.38 9.98
C PRO B 101 14.30 -4.34 9.12
N LEU B 102 13.53 -3.39 8.60
CA LEU B 102 14.05 -2.30 7.78
C LEU B 102 15.23 -1.60 8.46
N PRO B 103 16.34 -1.40 7.73
CA PRO B 103 17.61 -0.89 8.26
C PRO B 103 17.53 0.50 8.91
N HIS B 104 18.27 0.67 10.01
CA HIS B 104 18.32 1.89 10.80
C HIS B 104 16.92 2.47 11.10
N MET B 105 16.12 1.67 11.79
CA MET B 105 14.78 2.06 12.20
C MET B 105 14.55 1.60 13.63
N TYR B 106 13.81 2.39 14.40
CA TYR B 106 13.44 1.99 15.76
C TYR B 106 12.48 0.81 15.68
N VAL B 107 12.83 -0.27 16.37
CA VAL B 107 12.01 -1.47 16.37
C VAL B 107 11.06 -1.45 17.55
N ILE B 108 9.76 -1.31 17.25
CA ILE B 108 8.71 -1.33 18.26
C ILE B 108 8.76 -2.69 18.97
N LYS B 109 8.79 -3.75 18.18
CA LYS B 109 8.95 -5.12 18.65
C LYS B 109 9.09 -6.04 17.45
N ASP B 110 10.21 -6.77 17.38
CA ASP B 110 10.35 -7.93 16.51
C ASP B 110 9.88 -7.71 15.07
N LEU B 111 10.80 -7.27 14.20
CA LEU B 111 10.52 -7.07 12.76
C LEU B 111 9.52 -5.97 12.42
N VAL B 112 9.01 -5.27 13.43
CA VAL B 112 8.03 -4.20 13.24
C VAL B 112 8.67 -2.84 13.51
N PRO B 113 8.92 -2.06 12.44
CA PRO B 113 9.56 -0.74 12.55
C PRO B 113 8.58 0.41 12.73
N ASP B 114 8.98 1.42 13.49
CA ASP B 114 8.17 2.62 13.71
C ASP B 114 8.25 3.52 12.49
N LEU B 115 7.18 3.53 11.70
CA LEU B 115 7.12 4.28 10.46
C LEU B 115 6.37 5.59 10.62
N SER B 116 5.99 5.92 11.86
CA SER B 116 5.21 7.13 12.15
C SER B 116 5.94 8.41 11.74
N ASN B 117 7.26 8.39 11.82
CA ASN B 117 8.09 9.47 11.29
C ASN B 117 8.02 9.51 9.78
N PHE B 118 8.17 8.33 9.15
CA PHE B 118 8.12 8.17 7.71
C PHE B 118 6.80 8.68 7.11
N TYR B 119 5.70 8.38 7.78
CA TYR B 119 4.37 8.81 7.33
C TYR B 119 4.16 10.30 7.49
N ALA B 120 4.80 10.87 8.51
CA ALA B 120 4.68 12.30 8.81
C ALA B 120 5.40 13.16 7.77
N GLN B 121 6.48 12.61 7.22
CA GLN B 121 7.21 13.26 6.13
C GLN B 121 6.38 13.28 4.85
N TYR B 122 5.57 12.25 4.67
CA TYR B 122 4.64 12.15 3.55
C TYR B 122 3.54 13.20 3.66
N LYS B 123 3.19 13.55 4.91
CA LYS B 123 2.18 14.57 5.17
C LYS B 123 2.69 15.98 4.88
N SER B 124 4.00 16.19 5.06
CA SER B 124 4.60 17.51 4.91
C SER B 124 4.65 18.01 3.46
N ILE B 125 4.79 17.08 2.51
CA ILE B 125 4.85 17.43 1.08
C ILE B 125 3.46 17.70 0.48
N GLU B 126 2.41 17.34 1.22
CA GLU B 126 1.02 17.58 0.83
C GLU B 126 0.65 16.91 -0.49
N PRO B 127 0.39 15.60 -0.46
CA PRO B 127 0.10 14.81 -1.66
C PRO B 127 -1.37 14.84 -2.10
N TYR B 128 -1.82 16.01 -2.53
CA TYR B 128 -3.19 16.20 -3.03
C TYR B 128 -3.24 17.32 -4.07
N LEU B 129 -4.20 17.22 -4.99
CA LEU B 129 -4.32 18.17 -6.08
C LEU B 129 -4.74 19.55 -5.57
N LYS B 130 -3.90 20.55 -5.86
CA LYS B 130 -4.18 21.93 -5.47
C LYS B 130 -4.38 22.84 -6.68
N LYS B 131 -5.60 23.35 -6.82
CA LYS B 131 -5.95 24.27 -7.90
C LYS B 131 -6.07 25.69 -7.36
N LYS B 132 -5.97 26.67 -8.26
CA LYS B 132 -6.21 28.07 -7.91
C LYS B 132 -7.73 28.34 -7.84
N ASP B 133 -8.51 27.43 -8.41
CA ASP B 133 -9.97 27.53 -8.43
C ASP B 133 -10.62 26.35 -7.69
N GLU B 134 -10.83 26.53 -6.38
CA GLU B 134 -11.47 25.50 -5.56
C GLU B 134 -12.99 25.55 -5.66
N SER B 135 -13.50 26.44 -6.51
CA SER B 135 -14.94 26.71 -6.61
C SER B 135 -15.72 25.69 -7.44
N GLN B 136 -15.04 25.02 -8.37
CA GLN B 136 -15.71 24.09 -9.28
C GLN B 136 -15.45 22.62 -8.94
N GLU B 137 -15.05 22.35 -7.71
CA GLU B 137 -14.69 21.00 -7.27
C GLU B 137 -15.91 20.11 -7.06
N GLY B 138 -16.00 19.04 -7.85
CA GLY B 138 -17.06 18.04 -7.71
C GLY B 138 -18.24 18.21 -8.65
N LYS B 139 -17.99 18.76 -9.84
CA LYS B 139 -19.05 18.94 -10.85
C LYS B 139 -18.58 18.71 -12.28
N GLN B 140 -17.30 18.98 -12.55
CA GLN B 140 -16.71 18.77 -13.87
C GLN B 140 -15.34 18.10 -13.78
N GLN B 141 -15.17 17.03 -14.55
CA GLN B 141 -13.89 16.32 -14.63
C GLN B 141 -12.85 17.15 -15.38
N TYR B 142 -11.67 17.30 -14.78
CA TYR B 142 -10.58 18.04 -15.39
C TYR B 142 -9.99 17.28 -16.57
N LEU B 143 -9.94 17.93 -17.73
CA LEU B 143 -9.41 17.33 -18.95
C LEU B 143 -7.89 17.19 -18.88
N GLN B 144 -7.43 15.95 -18.97
CA GLN B 144 -6.00 15.63 -19.04
C GLN B 144 -5.78 14.72 -20.24
N SER B 145 -4.84 15.10 -21.11
CA SER B 145 -4.56 14.31 -22.32
C SER B 145 -3.82 13.03 -21.96
N ILE B 146 -3.95 12.02 -22.81
CA ILE B 146 -3.31 10.71 -22.60
C ILE B 146 -1.78 10.83 -22.51
N GLU B 147 -1.23 11.80 -23.24
CA GLU B 147 0.21 12.05 -23.28
C GLU B 147 0.70 12.77 -22.02
N GLU B 148 -0.21 13.48 -21.36
CA GLU B 148 0.06 14.11 -20.07
C GLU B 148 -0.16 13.13 -18.92
N ARG B 149 -0.91 12.06 -19.19
CA ARG B 149 -1.11 10.97 -18.24
C ARG B 149 0.09 10.02 -18.26
N GLU B 150 0.82 10.01 -19.37
CA GLU B 150 2.04 9.23 -19.53
C GLU B 150 3.11 9.62 -18.50
N LYS B 151 3.19 10.91 -18.21
CA LYS B 151 4.18 11.46 -17.26
C LYS B 151 3.99 10.97 -15.84
N LEU B 152 2.81 10.42 -15.54
CA LEU B 152 2.48 9.92 -14.21
C LEU B 152 2.76 8.42 -14.06
N ASP B 153 2.92 7.73 -15.18
CA ASP B 153 3.27 6.31 -15.17
C ASP B 153 4.61 6.10 -14.48
N GLY B 154 4.64 5.18 -13.52
CA GLY B 154 5.85 4.89 -12.75
C GLY B 154 5.97 5.70 -11.47
N LEU B 155 5.01 6.57 -11.22
CA LEU B 155 5.01 7.41 -10.02
C LEU B 155 3.81 7.13 -9.12
N TYR B 156 2.65 6.92 -9.73
CA TYR B 156 1.41 6.63 -8.99
C TYR B 156 1.42 5.23 -8.37
N GLU B 157 2.21 4.33 -8.95
CA GLU B 157 2.27 2.93 -8.54
C GLU B 157 2.84 2.69 -7.14
N CYS B 158 3.43 3.73 -6.55
CA CYS B 158 4.09 3.59 -5.24
C CYS B 158 3.18 3.00 -4.16
N ILE B 159 3.80 2.17 -3.33
CA ILE B 159 3.09 1.41 -2.30
C ILE B 159 3.26 2.09 -0.95
N LEU B 160 4.28 2.93 -0.83
CA LEU B 160 4.73 3.51 0.44
C LEU B 160 5.19 2.43 1.42
N CYS B 161 5.81 1.38 0.88
CA CYS B 161 6.34 0.27 1.67
C CYS B 161 7.56 0.73 2.48
N ALA B 162 8.26 1.74 1.96
CA ALA B 162 9.41 2.39 2.60
C ALA B 162 10.74 1.67 2.39
N CYS B 163 10.72 0.61 1.58
CA CYS B 163 11.91 -0.19 1.27
C CYS B 163 13.08 0.62 0.71
N CYS B 164 12.75 1.68 -0.03
CA CYS B 164 13.78 2.52 -0.66
C CYS B 164 14.42 3.51 0.31
N SER B 165 13.60 4.21 1.10
CA SER B 165 14.11 5.19 2.07
C SER B 165 14.97 4.52 3.12
N THR B 166 14.52 3.37 3.59
CA THR B 166 15.21 2.62 4.63
C THR B 166 16.45 1.88 4.10
N SER B 167 16.69 1.98 2.79
CA SER B 167 17.89 1.44 2.17
C SER B 167 18.91 2.54 1.92
N CYS B 168 18.43 3.78 1.92
CA CYS B 168 19.28 4.95 1.68
C CYS B 168 20.16 5.23 2.89
N PRO B 169 21.49 5.23 2.68
CA PRO B 169 22.43 5.55 3.74
C PRO B 169 22.20 6.96 4.27
N SER B 170 21.95 7.89 3.36
CA SER B 170 21.70 9.29 3.72
C SER B 170 20.45 9.45 4.57
N TYR B 171 19.46 8.59 4.34
CA TYR B 171 18.24 8.57 5.15
C TYR B 171 18.48 7.92 6.52
N TRP B 172 19.45 7.01 6.60
CA TRP B 172 19.83 6.42 7.89
C TRP B 172 20.38 7.50 8.81
N TRP B 173 21.43 8.17 8.36
CA TRP B 173 22.12 9.17 9.16
C TRP B 173 21.24 10.39 9.44
N ASN B 174 20.53 10.84 8.40
CA ASN B 174 19.67 12.00 8.50
C ASN B 174 18.19 11.67 8.25
N GLY B 175 17.66 10.77 9.08
CA GLY B 175 16.27 10.32 8.97
C GLY B 175 15.27 11.27 9.61
N ASP B 176 15.75 12.44 10.01
CA ASP B 176 14.93 13.45 10.65
C ASP B 176 14.70 14.66 9.74
N LYS B 177 15.75 15.11 9.07
CA LYS B 177 15.68 16.29 8.22
C LYS B 177 15.48 15.95 6.75
N TYR B 178 16.12 14.87 6.30
CA TYR B 178 15.99 14.42 4.91
C TYR B 178 14.72 13.58 4.72
N LEU B 179 13.95 13.91 3.68
CA LEU B 179 12.65 13.27 3.43
C LEU B 179 12.77 11.84 2.91
N GLY B 180 13.78 11.58 2.09
CA GLY B 180 13.99 10.24 1.52
C GLY B 180 13.26 10.02 0.19
N PRO B 181 13.69 8.99 -0.57
CA PRO B 181 13.20 8.68 -1.91
C PRO B 181 11.71 8.42 -2.02
N ALA B 182 11.15 7.67 -1.06
CA ALA B 182 9.74 7.32 -1.05
C ALA B 182 8.85 8.56 -1.07
N VAL B 183 9.18 9.52 -0.20
CA VAL B 183 8.43 10.76 -0.06
C VAL B 183 8.72 11.72 -1.21
N LEU B 184 10.00 11.90 -1.54
CA LEU B 184 10.43 12.84 -2.58
C LEU B 184 9.83 12.51 -3.95
N MET B 185 9.70 11.22 -4.24
CA MET B 185 9.12 10.77 -5.52
C MET B 185 7.67 11.23 -5.65
N GLN B 186 6.95 11.25 -4.52
CA GLN B 186 5.55 11.67 -4.49
C GLN B 186 5.43 13.18 -4.70
N ALA B 187 6.39 13.93 -4.17
CA ALA B 187 6.45 15.37 -4.38
C ALA B 187 6.63 15.70 -5.85
N TYR B 188 7.37 14.84 -6.56
CA TYR B 188 7.55 14.97 -8.00
C TYR B 188 6.27 14.60 -8.74
N ARG B 189 5.59 13.56 -8.24
CA ARG B 189 4.33 13.08 -8.79
C ARG B 189 3.27 14.19 -8.87
N TRP B 190 3.32 15.10 -7.91
CA TRP B 190 2.39 16.23 -7.85
C TRP B 190 2.95 17.50 -8.51
N MET B 191 4.21 17.45 -8.93
CA MET B 191 4.84 18.56 -9.65
C MET B 191 4.47 18.55 -11.14
N ILE B 192 4.65 17.41 -11.79
CA ILE B 192 4.38 17.30 -13.23
C ILE B 192 2.92 16.97 -13.55
N ASP B 193 2.12 16.66 -12.53
CA ASP B 193 0.70 16.41 -12.72
C ASP B 193 0.06 17.63 -13.37
N SER B 194 -0.45 17.43 -14.58
CA SER B 194 -0.97 18.51 -15.43
C SER B 194 -1.93 19.46 -14.71
N ARG B 195 -2.81 18.88 -13.90
CA ARG B 195 -3.86 19.62 -13.21
C ARG B 195 -3.34 20.54 -12.11
N ASP B 196 -2.34 20.07 -11.36
CA ASP B 196 -1.83 20.79 -10.19
C ASP B 196 -1.30 22.19 -10.51
N ASP B 197 -1.86 23.19 -9.83
CA ASP B 197 -1.52 24.59 -10.08
C ASP B 197 -0.44 25.11 -9.13
N PHE B 198 -0.32 24.49 -7.96
CA PHE B 198 0.69 24.85 -6.97
C PHE B 198 1.94 24.00 -7.18
N THR B 199 2.83 24.46 -8.06
CA THR B 199 4.04 23.70 -8.39
C THR B 199 5.32 24.45 -8.03
N GLU B 200 5.32 25.76 -8.21
CA GLU B 200 6.46 26.60 -7.83
C GLU B 200 6.74 26.51 -6.33
N GLU B 201 5.67 26.66 -5.54
CA GLU B 201 5.78 26.57 -4.08
C GLU B 201 6.03 25.16 -3.58
N ARG B 202 5.66 24.16 -4.38
CA ARG B 202 6.04 22.77 -4.11
C ARG B 202 7.56 22.60 -4.22
N LEU B 203 8.14 23.27 -5.21
CA LEU B 203 9.59 23.29 -5.39
C LEU B 203 10.27 24.15 -4.34
N ALA B 204 9.56 25.17 -3.86
CA ALA B 204 10.10 26.09 -2.84
C ALA B 204 10.21 25.44 -1.47
N LYS B 205 9.33 24.48 -1.18
CA LYS B 205 9.38 23.71 0.08
C LYS B 205 10.60 22.79 0.17
N LEU B 206 11.46 22.83 -0.84
CA LEU B 206 12.68 22.02 -0.88
C LEU B 206 13.95 22.87 -0.93
N GLN B 207 13.80 24.17 -0.65
CA GLN B 207 14.92 25.10 -0.69
C GLN B 207 15.68 25.17 0.63
N ASP B 208 16.22 24.03 1.05
CA ASP B 208 17.02 23.91 2.25
C ASP B 208 17.98 22.73 2.11
N PRO B 209 19.13 22.76 2.83
CA PRO B 209 20.22 21.79 2.62
C PRO B 209 19.85 20.31 2.79
N PHE B 210 18.69 20.03 3.37
CA PHE B 210 18.31 18.66 3.69
C PHE B 210 17.17 18.11 2.83
N SER B 211 16.02 18.80 2.83
CA SER B 211 14.79 18.33 2.18
C SER B 211 15.03 17.44 0.95
N LEU B 212 15.69 18.02 -0.06
CA LEU B 212 15.96 17.33 -1.32
C LEU B 212 17.45 17.10 -1.52
N TYR B 213 18.27 18.05 -1.07
CA TYR B 213 19.70 18.07 -1.39
C TYR B 213 20.60 17.28 -0.44
N ARG B 214 20.03 16.28 0.22
CA ARG B 214 20.82 15.34 1.00
C ARG B 214 20.99 14.03 0.24
N CYS B 215 20.36 13.97 -0.93
CA CYS B 215 20.60 12.88 -1.87
C CYS B 215 21.94 13.11 -2.55
N HIS B 216 22.73 12.05 -2.67
CA HIS B 216 24.02 12.10 -3.36
C HIS B 216 24.04 11.12 -4.53
N THR B 217 22.83 10.78 -5.02
CA THR B 217 22.64 9.78 -6.08
C THR B 217 23.43 8.48 -5.85
N ILE B 218 23.22 7.88 -4.68
CA ILE B 218 23.80 6.58 -4.33
C ILE B 218 23.10 5.47 -5.12
N MET B 219 21.83 5.72 -5.44
CA MET B 219 21.01 4.84 -6.29
C MET B 219 20.68 3.47 -5.66
N ASN B 220 20.89 3.35 -4.36
CA ASN B 220 20.56 2.13 -3.62
C ASN B 220 19.05 1.95 -3.43
N CYS B 221 18.33 3.06 -3.54
CA CYS B 221 16.86 3.08 -3.41
C CYS B 221 16.16 2.40 -4.57
N THR B 222 16.59 2.73 -5.79
CA THR B 222 16.01 2.18 -7.01
C THR B 222 16.23 0.68 -7.11
N GLY B 223 17.44 0.24 -6.78
CA GLY B 223 17.82 -1.16 -6.85
C GLY B 223 17.01 -2.08 -5.95
N THR B 224 16.54 -1.55 -4.83
CA THR B 224 15.84 -2.36 -3.83
C THR B 224 14.31 -2.30 -3.94
N CYS B 225 13.79 -1.42 -4.79
CA CYS B 225 12.34 -1.24 -4.92
C CYS B 225 11.63 -2.53 -5.32
N PRO B 226 10.63 -2.95 -4.52
CA PRO B 226 9.83 -4.14 -4.82
C PRO B 226 9.05 -4.05 -6.12
N LYS B 227 8.52 -2.86 -6.42
CA LYS B 227 7.65 -2.67 -7.59
C LYS B 227 8.39 -2.22 -8.85
N GLY B 228 9.72 -2.19 -8.77
CA GLY B 228 10.56 -1.84 -9.91
C GLY B 228 10.49 -0.38 -10.34
N LEU B 229 10.09 0.49 -9.41
CA LEU B 229 10.02 1.92 -9.66
C LEU B 229 11.40 2.56 -9.52
N ASN B 230 11.51 3.80 -9.99
CA ASN B 230 12.79 4.51 -10.02
C ASN B 230 12.74 5.82 -9.23
N PRO B 231 12.84 5.75 -7.89
CA PRO B 231 12.78 6.96 -7.08
C PRO B 231 14.02 7.83 -7.26
N GLY B 232 15.17 7.19 -7.42
CA GLY B 232 16.42 7.90 -7.68
C GLY B 232 16.33 8.77 -8.92
N LYS B 233 15.82 8.20 -10.01
CA LYS B 233 15.57 8.94 -11.25
C LYS B 233 14.68 10.15 -10.98
N ALA B 234 13.55 9.91 -10.31
CA ALA B 234 12.59 10.97 -9.99
C ALA B 234 13.18 12.06 -9.12
N ILE B 235 14.05 11.69 -8.17
CA ILE B 235 14.75 12.67 -7.33
C ILE B 235 15.64 13.56 -8.20
N ALA B 236 16.35 12.96 -9.14
CA ALA B 236 17.22 13.68 -10.07
C ALA B 236 16.41 14.59 -10.99
N GLU B 237 15.18 14.19 -11.29
CA GLU B 237 14.26 15.00 -12.08
C GLU B 237 13.81 16.25 -11.35
N ILE B 238 13.62 16.14 -10.03
CA ILE B 238 13.25 17.30 -9.20
C ILE B 238 14.39 18.30 -9.13
N LYS B 239 15.62 17.78 -9.00
CA LYS B 239 16.82 18.60 -8.90
C LYS B 239 16.98 19.57 -10.06
N LYS B 240 16.67 19.09 -11.27
CA LYS B 240 16.75 19.91 -12.48
C LYS B 240 15.69 21.02 -12.50
N MET B 241 14.49 20.69 -12.03
CA MET B 241 13.39 21.66 -11.98
C MET B 241 13.72 22.82 -11.04
N MET B 242 14.46 22.52 -9.98
CA MET B 242 14.89 23.51 -8.99
C MET B 242 15.88 24.50 -9.58
N ALA B 243 16.61 24.08 -10.61
CA ALA B 243 17.60 24.92 -11.28
C ALA B 243 17.01 25.70 -12.46
N THR B 244 15.82 25.30 -12.90
CA THR B 244 15.20 25.91 -14.09
C THR B 244 14.04 26.85 -13.79
N TYR B 245 13.24 26.54 -12.76
CA TYR B 245 12.01 27.28 -12.47
C TYR B 245 12.23 28.77 -12.19
N LYS B 246 11.37 29.60 -12.78
CA LYS B 246 11.51 31.06 -12.73
C LYS B 246 10.33 31.75 -12.04
N GLU B 247 10.45 33.06 -11.85
CA GLU B 247 9.44 33.91 -11.20
C GLU B 247 9.19 33.50 -9.74
N THR C 3 -4.00 16.85 14.16
CA THR C 3 -2.52 17.01 14.37
C THR C 3 -1.79 17.42 13.09
N THR C 4 -0.72 18.18 13.25
CA THR C 4 0.11 18.62 12.11
C THR C 4 1.25 17.64 11.87
N ALA C 5 1.83 17.71 10.67
CA ALA C 5 2.96 16.86 10.29
C ALA C 5 4.17 17.06 11.20
N LYS C 6 4.44 18.33 11.53
CA LYS C 6 5.53 18.70 12.43
C LYS C 6 5.37 18.07 13.82
N GLU C 7 4.16 18.13 14.35
CA GLU C 7 3.85 17.54 15.67
C GLU C 7 4.01 16.03 15.69
N GLU C 8 3.69 15.38 14.56
CA GLU C 8 3.86 13.94 14.41
C GLU C 8 5.35 13.56 14.43
N MET C 9 6.17 14.38 13.77
CA MET C 9 7.61 14.18 13.72
C MET C 9 8.24 14.46 15.07
N GLU C 10 7.68 15.44 15.79
CA GLU C 10 8.17 15.82 17.12
C GLU C 10 7.81 14.76 18.16
N ARG C 11 6.61 14.20 18.03
CA ARG C 11 6.12 13.15 18.93
C ARG C 11 6.88 11.84 18.74
N PHE C 12 7.34 11.59 17.51
CA PHE C 12 8.14 10.40 17.19
C PHE C 12 9.43 10.37 18.02
N TRP C 13 10.21 11.45 17.92
CA TRP C 13 11.54 11.51 18.53
C TRP C 13 11.52 11.56 20.05
N ASN C 14 10.54 12.26 20.61
CA ASN C 14 10.36 12.29 22.07
C ASN C 14 10.01 10.91 22.64
N LYS C 15 9.23 10.14 21.87
CA LYS C 15 8.88 8.77 22.24
C LYS C 15 10.06 7.82 22.11
N ASN C 16 10.83 7.97 21.04
CA ASN C 16 11.87 7.00 20.67
C ASN C 16 13.26 7.22 21.27
N LEU C 17 13.63 8.48 21.49
CA LEU C 17 14.90 8.79 22.16
C LEU C 17 14.84 8.44 23.64
N GLY C 18 13.66 8.62 24.24
CA GLY C 18 13.43 8.23 25.63
C GLY C 18 12.71 6.89 25.73
N SER C 19 13.20 5.92 24.97
CA SER C 19 12.64 4.56 24.98
C SER C 19 13.72 3.49 25.10
N ASN C 20 13.28 2.24 25.23
CA ASN C 20 14.18 1.09 25.31
C ASN C 20 14.29 0.35 23.97
N ARG C 21 13.70 0.94 22.93
CA ARG C 21 13.67 0.36 21.59
C ARG C 21 15.07 0.33 20.95
N PRO C 22 15.43 -0.81 20.33
CA PRO C 22 16.73 -0.93 19.69
C PRO C 22 16.69 -0.56 18.21
N LEU C 23 17.76 0.09 17.74
CA LEU C 23 17.91 0.38 16.32
C LEU C 23 18.18 -0.90 15.55
N SER C 24 17.46 -1.08 14.45
CA SER C 24 17.70 -2.20 13.54
C SER C 24 19.04 -2.01 12.85
N PRO C 25 19.81 -3.09 12.67
CA PRO C 25 21.08 -3.04 11.95
C PRO C 25 20.95 -2.53 10.51
N HIS C 26 22.01 -1.90 10.01
CA HIS C 26 21.98 -1.26 8.69
C HIS C 26 23.25 -1.56 7.88
N ILE C 27 24.41 -1.13 8.38
CA ILE C 27 25.67 -1.39 7.68
C ILE C 27 26.15 -2.83 7.84
N THR C 28 25.75 -3.47 8.93
CA THR C 28 26.12 -4.86 9.21
C THR C 28 25.39 -5.83 8.29
N ILE C 29 24.11 -5.56 8.04
CA ILE C 29 23.24 -6.53 7.38
C ILE C 29 23.00 -6.28 5.89
N TYR C 30 23.20 -5.04 5.44
CA TYR C 30 22.84 -4.67 4.07
C TYR C 30 23.80 -5.20 3.02
N ARG C 31 23.23 -5.67 1.92
CA ARG C 31 23.97 -6.26 0.81
C ARG C 31 24.86 -5.25 0.08
N TRP C 32 26.12 -5.63 -0.11
CA TRP C 32 27.08 -4.84 -0.88
C TRP C 32 26.75 -4.88 -2.37
N SER C 33 26.93 -3.74 -3.04
CA SER C 33 26.77 -3.64 -4.48
C SER C 33 27.85 -2.74 -5.06
N LEU C 34 28.03 -2.80 -6.38
CA LEU C 34 29.03 -1.97 -7.06
C LEU C 34 28.76 -0.46 -6.94
N PRO C 35 27.53 0.01 -7.27
CA PRO C 35 27.29 1.46 -7.16
C PRO C 35 27.46 1.96 -5.74
N MET C 36 26.95 1.18 -4.78
CA MET C 36 26.98 1.52 -3.37
C MET C 36 28.42 1.59 -2.85
N ALA C 37 29.25 0.63 -3.27
CA ALA C 37 30.67 0.62 -2.89
C ALA C 37 31.47 1.66 -3.66
N MET C 38 31.04 1.95 -4.90
CA MET C 38 31.67 2.98 -5.72
C MET C 38 31.36 4.39 -5.26
N SER C 39 30.24 4.56 -4.57
CA SER C 39 29.87 5.84 -3.98
C SER C 39 30.71 6.14 -2.74
N ILE C 40 31.09 5.08 -2.01
CA ILE C 40 31.95 5.21 -0.83
C ILE C 40 33.36 5.61 -1.23
N CYS C 41 33.88 5.00 -2.28
CA CYS C 41 35.23 5.29 -2.77
C CYS C 41 35.34 6.68 -3.39
N HIS C 42 34.25 7.20 -3.93
CA HIS C 42 34.20 8.57 -4.45
C HIS C 42 34.32 9.60 -3.32
N ARG C 43 33.65 9.31 -2.19
CA ARG C 43 33.79 10.12 -0.97
C ARG C 43 35.17 9.96 -0.35
N GLY C 44 35.72 8.75 -0.45
CA GLY C 44 37.06 8.47 0.03
C GLY C 44 38.11 9.22 -0.76
N THR C 45 38.01 9.13 -2.08
CA THR C 45 38.95 9.81 -2.98
C THR C 45 38.80 11.32 -2.91
N GLY C 46 37.58 11.79 -2.65
CA GLY C 46 37.33 13.22 -2.44
C GLY C 46 38.07 13.73 -1.22
N ILE C 47 37.84 13.09 -0.07
CA ILE C 47 38.51 13.43 1.19
C ILE C 47 40.03 13.32 1.08
N ALA C 48 40.51 12.21 0.51
CA ALA C 48 41.95 11.97 0.34
C ALA C 48 42.60 12.95 -0.62
N LEU C 49 41.85 13.35 -1.65
CA LEU C 49 42.36 14.27 -2.67
C LEU C 49 42.47 15.70 -2.16
N SER C 50 41.50 16.11 -1.34
CA SER C 50 41.52 17.43 -0.72
C SER C 50 42.58 17.53 0.38
N ALA C 51 42.86 16.41 1.04
CA ALA C 51 43.90 16.33 2.06
C ALA C 51 45.27 16.61 1.47
N GLY C 52 45.51 16.10 0.26
CA GLY C 52 46.75 16.36 -0.47
C GLY C 52 46.84 17.80 -0.95
N VAL C 53 45.74 18.31 -1.52
CA VAL C 53 45.65 19.67 -2.01
C VAL C 53 45.86 20.69 -0.89
N SER C 54 45.25 20.42 0.26
CA SER C 54 45.40 21.28 1.44
C SER C 54 46.82 21.25 2.00
N LEU C 55 47.38 20.06 2.14
CA LEU C 55 48.74 19.90 2.68
C LEU C 55 49.83 20.46 1.76
N PHE C 56 49.54 20.56 0.48
CA PHE C 56 50.47 21.12 -0.50
C PHE C 56 50.58 22.65 -0.36
N GLY C 57 49.42 23.31 -0.28
CA GLY C 57 49.36 24.75 -0.11
C GLY C 57 49.64 25.21 1.32
N LEU C 58 49.36 24.33 2.28
CA LEU C 58 49.56 24.64 3.69
C LEU C 58 51.04 24.69 4.05
N SER C 59 51.82 23.81 3.44
CA SER C 59 53.26 23.76 3.67
C SER C 59 54.03 24.76 2.79
N ALA C 60 53.32 25.41 1.88
CA ALA C 60 53.89 26.48 1.06
C ALA C 60 54.07 27.77 1.88
N LEU C 61 53.31 27.87 2.97
CA LEU C 61 53.38 29.02 3.87
C LEU C 61 54.07 28.71 5.20
N LEU C 62 54.15 27.42 5.54
CA LEU C 62 54.64 27.00 6.84
C LEU C 62 56.01 26.31 6.83
N LEU C 63 56.54 26.00 5.65
CA LEU C 63 57.84 25.35 5.54
C LEU C 63 58.89 26.18 4.77
N PRO C 64 60.14 26.21 5.29
CA PRO C 64 61.23 26.97 4.68
C PRO C 64 61.71 26.38 3.35
N GLY C 65 62.23 27.25 2.47
CA GLY C 65 62.78 26.83 1.19
C GLY C 65 61.76 26.79 0.07
N ASN C 66 62.25 26.86 -1.17
CA ASN C 66 61.41 26.78 -2.36
C ASN C 66 61.09 25.33 -2.74
N PHE C 67 60.41 25.16 -3.88
CA PHE C 67 60.00 23.83 -4.33
C PHE C 67 61.17 22.98 -4.83
N GLU C 68 62.20 23.64 -5.38
CA GLU C 68 63.39 22.94 -5.87
C GLU C 68 64.20 22.30 -4.75
N SER C 69 64.30 22.99 -3.61
CA SER C 69 65.02 22.49 -2.45
C SER C 69 64.34 21.26 -1.85
N HIS C 70 63.01 21.24 -1.91
CA HIS C 70 62.23 20.10 -1.45
C HIS C 70 62.34 18.93 -2.42
N LEU C 71 62.44 19.23 -3.72
CA LEU C 71 62.62 18.19 -4.75
C LEU C 71 63.99 17.55 -4.68
N GLU C 72 65.01 18.34 -4.34
CA GLU C 72 66.37 17.84 -4.14
C GLU C 72 66.45 16.98 -2.89
N LEU C 73 65.53 17.21 -1.95
CA LEU C 73 65.45 16.43 -0.72
C LEU C 73 64.88 15.04 -0.99
N VAL C 74 64.03 14.93 -2.01
CA VAL C 74 63.44 13.65 -2.43
C VAL C 74 64.52 12.75 -3.04
N LYS C 75 65.40 13.34 -3.83
CA LYS C 75 66.50 12.63 -4.50
C LYS C 75 67.55 12.12 -3.51
N SER C 76 67.58 12.70 -2.31
CA SER C 76 68.48 12.28 -1.23
C SER C 76 68.17 10.86 -0.78
N LEU C 77 66.89 10.50 -0.83
CA LEU C 77 66.44 9.15 -0.48
C LEU C 77 66.69 8.17 -1.62
N CYS C 78 66.89 8.71 -2.82
CA CYS C 78 67.15 7.94 -4.06
C CYS C 78 66.47 6.58 -4.13
N LEU C 79 65.14 6.61 -4.13
CA LEU C 79 64.31 5.41 -4.23
C LEU C 79 64.40 4.81 -5.63
N GLY C 80 64.25 3.49 -5.71
CA GLY C 80 64.30 2.77 -6.99
C GLY C 80 63.24 3.22 -7.98
N PRO C 81 63.47 2.95 -9.29
CA PRO C 81 62.54 3.34 -10.35
C PRO C 81 61.16 2.69 -10.19
N THR C 82 61.13 1.46 -9.72
CA THR C 82 59.88 0.74 -9.46
C THR C 82 59.17 1.26 -8.21
N LEU C 83 59.95 1.58 -7.19
CA LEU C 83 59.41 2.10 -5.93
C LEU C 83 58.93 3.55 -6.06
N ILE C 84 59.59 4.32 -6.93
CA ILE C 84 59.17 5.70 -7.21
C ILE C 84 57.95 5.71 -8.15
N TYR C 85 57.80 4.64 -8.94
CA TYR C 85 56.63 4.43 -9.80
C TYR C 85 55.40 4.15 -8.94
N THR C 86 55.60 3.44 -7.83
CA THR C 86 54.53 3.12 -6.88
C THR C 86 53.98 4.38 -6.22
N ALA C 87 54.86 5.30 -5.85
CA ALA C 87 54.46 6.60 -5.32
C ALA C 87 53.78 7.45 -6.39
N LYS C 88 54.27 7.32 -7.63
CA LYS C 88 53.69 8.02 -8.77
C LYS C 88 52.32 7.47 -9.14
N PHE C 89 52.16 6.15 -9.03
CA PHE C 89 50.89 5.47 -9.25
C PHE C 89 49.90 5.77 -8.11
N GLY C 90 50.43 5.89 -6.90
CA GLY C 90 49.63 6.15 -5.70
C GLY C 90 48.93 7.50 -5.69
N ILE C 91 49.52 8.48 -6.38
CA ILE C 91 48.94 9.82 -6.48
C ILE C 91 47.79 9.86 -7.49
N VAL C 92 48.04 9.33 -8.68
CA VAL C 92 47.08 9.45 -9.79
C VAL C 92 45.83 8.57 -9.62
N PHE C 93 46.01 7.41 -9.00
CA PHE C 93 44.92 6.41 -8.88
C PHE C 93 43.63 6.95 -8.24
N PRO C 94 43.73 7.64 -7.07
CA PRO C 94 42.52 8.25 -6.53
C PRO C 94 42.07 9.49 -7.33
N LEU C 95 43.02 10.19 -7.93
CA LEU C 95 42.73 11.40 -8.70
C LEU C 95 41.90 11.09 -9.94
N MET C 96 42.29 10.03 -10.65
CA MET C 96 41.61 9.62 -11.89
C MET C 96 40.28 8.93 -11.63
N TYR C 97 40.22 8.10 -10.59
CA TYR C 97 38.97 7.46 -10.17
C TYR C 97 37.90 8.52 -9.87
N HIS C 98 38.30 9.57 -9.16
CA HIS C 98 37.40 10.65 -8.79
C HIS C 98 37.09 11.57 -9.97
N THR C 99 38.00 11.65 -10.93
CA THR C 99 37.78 12.44 -12.15
C THR C 99 36.75 11.76 -13.05
N TRP C 100 36.96 10.47 -13.34
CA TRP C 100 36.05 9.71 -14.20
C TRP C 100 34.67 9.52 -13.58
N ASN C 101 34.63 9.10 -12.32
CA ASN C 101 33.36 8.93 -11.59
C ASN C 101 32.62 10.25 -11.41
N GLY C 102 33.38 11.34 -11.38
CA GLY C 102 32.83 12.70 -11.36
C GLY C 102 32.04 13.00 -12.62
N ILE C 103 32.58 12.58 -13.76
CA ILE C 103 31.89 12.72 -15.05
C ILE C 103 30.59 11.89 -15.05
N ARG C 104 30.67 10.68 -14.50
CA ARG C 104 29.51 9.81 -14.37
C ARG C 104 28.43 10.45 -13.48
N HIS C 105 28.88 11.07 -12.38
CA HIS C 105 27.99 11.83 -11.49
C HIS C 105 27.34 13.01 -12.20
N LEU C 106 28.12 13.72 -13.01
CA LEU C 106 27.64 14.90 -13.73
C LEU C 106 26.67 14.55 -14.85
N ILE C 107 26.80 13.35 -15.41
CA ILE C 107 25.86 12.83 -16.40
C ILE C 107 24.51 12.55 -15.74
N TRP C 108 24.55 12.06 -14.50
CA TRP C 108 23.34 11.83 -13.70
C TRP C 108 22.57 13.11 -13.41
N ASP C 109 23.31 14.22 -13.29
CA ASP C 109 22.72 15.53 -13.03
C ASP C 109 21.89 16.02 -14.21
N LEU C 110 22.27 15.58 -15.42
CA LEU C 110 21.49 15.82 -16.63
C LEU C 110 20.26 14.90 -16.67
N GLY C 111 20.33 13.80 -15.94
CA GLY C 111 19.20 12.86 -15.82
C GLY C 111 19.35 11.61 -16.66
N LYS C 112 20.55 11.36 -17.17
CA LYS C 112 20.79 10.23 -18.07
C LYS C 112 21.55 9.10 -17.39
N GLY C 113 21.16 7.86 -17.72
CA GLY C 113 21.82 6.66 -17.22
C GLY C 113 21.50 6.30 -15.79
N LEU C 114 20.23 6.46 -15.41
CA LEU C 114 19.81 6.29 -14.03
C LEU C 114 19.04 4.98 -13.77
N THR C 115 19.34 3.95 -14.57
CA THR C 115 18.73 2.63 -14.39
C THR C 115 19.74 1.62 -13.86
N ILE C 116 19.24 0.51 -13.31
CA ILE C 116 20.08 -0.54 -12.74
C ILE C 116 21.11 -1.15 -13.72
N PRO C 117 20.67 -1.50 -14.95
CA PRO C 117 21.67 -2.02 -15.91
C PRO C 117 22.74 -0.99 -16.28
N GLN C 118 22.38 0.30 -16.30
CA GLN C 118 23.30 1.37 -16.66
C GLN C 118 24.29 1.73 -15.55
N LEU C 119 23.86 1.58 -14.31
CA LEU C 119 24.71 1.85 -13.14
C LEU C 119 25.91 0.91 -13.06
N THR C 120 25.67 -0.35 -13.42
CA THR C 120 26.72 -1.36 -13.44
C THR C 120 27.61 -1.18 -14.69
N GLN C 121 26.99 -0.84 -15.82
CA GLN C 121 27.72 -0.65 -17.08
C GLN C 121 28.70 0.52 -17.03
N SER C 122 28.17 1.74 -16.87
CA SER C 122 29.00 2.95 -16.79
C SER C 122 29.95 2.91 -15.59
N GLY C 123 29.54 2.20 -14.54
CA GLY C 123 30.36 2.00 -13.35
C GLY C 123 31.61 1.18 -13.62
N VAL C 124 31.45 0.11 -14.40
CA VAL C 124 32.57 -0.72 -14.85
C VAL C 124 33.44 0.05 -15.85
N VAL C 125 32.80 0.86 -16.69
CA VAL C 125 33.50 1.72 -17.64
C VAL C 125 34.43 2.71 -16.93
N VAL C 126 33.93 3.33 -15.86
CA VAL C 126 34.73 4.21 -15.01
C VAL C 126 35.90 3.44 -14.38
N LEU C 127 35.58 2.28 -13.81
CA LEU C 127 36.57 1.44 -13.13
C LEU C 127 37.71 1.02 -14.06
N ILE C 128 37.35 0.68 -15.30
CA ILE C 128 38.34 0.29 -16.32
C ILE C 128 39.13 1.50 -16.83
N LEU C 129 38.43 2.62 -17.05
CA LEU C 129 39.08 3.87 -17.45
C LEU C 129 40.04 4.41 -16.38
N THR C 130 39.81 4.00 -15.13
CA THR C 130 40.67 4.38 -14.01
C THR C 130 42.00 3.63 -14.01
N VAL C 131 41.93 2.31 -14.23
CA VAL C 131 43.13 1.47 -14.25
C VAL C 131 44.06 1.86 -15.41
N LEU C 132 43.45 2.13 -16.57
CA LEU C 132 44.21 2.45 -17.79
C LEU C 132 44.81 3.86 -17.79
N SER C 133 44.03 4.85 -17.35
CA SER C 133 44.50 6.24 -17.30
C SER C 133 45.58 6.43 -16.23
N SER C 134 45.43 5.75 -15.10
CA SER C 134 46.40 5.83 -14.01
C SER C 134 47.74 5.18 -14.35
N VAL C 135 47.69 4.04 -15.05
CA VAL C 135 48.89 3.41 -15.58
C VAL C 135 49.48 4.26 -16.71
N GLY C 136 48.58 4.82 -17.53
CA GLY C 136 48.96 5.71 -18.63
C GLY C 136 49.53 7.04 -18.18
N LEU C 137 49.38 7.36 -16.90
CA LEU C 137 49.94 8.58 -16.31
C LEU C 137 51.09 8.33 -15.35
N ALA C 138 51.10 7.15 -14.72
CA ALA C 138 52.21 6.75 -13.85
C ALA C 138 53.48 6.53 -14.67
N ALA C 139 53.31 6.06 -15.90
CA ALA C 139 54.42 5.85 -16.83
C ALA C 139 54.50 6.98 -17.87
N MET C 140 53.80 8.07 -17.61
CA MET C 140 53.78 9.22 -18.50
C MET C 140 55.09 10.00 -18.42
N SER D 2 10.17 30.67 -4.84
CA SER D 2 10.65 31.81 -4.00
C SER D 2 12.18 31.93 -4.08
N SER D 3 12.78 32.48 -3.02
CA SER D 3 14.24 32.72 -2.97
C SER D 3 15.07 31.45 -3.18
N LYS D 4 15.58 31.30 -4.40
CA LYS D 4 16.36 30.13 -4.80
C LYS D 4 17.76 30.16 -4.18
N ALA D 5 17.87 29.69 -2.94
CA ALA D 5 19.12 29.74 -2.19
C ALA D 5 19.93 28.44 -2.29
N ALA D 6 19.31 27.33 -1.89
CA ALA D 6 19.97 26.02 -1.88
C ALA D 6 20.13 25.43 -3.28
N SER D 7 19.20 25.77 -4.17
CA SER D 7 19.24 25.29 -5.55
C SER D 7 20.37 25.93 -6.35
N LEU D 8 20.63 27.22 -6.08
CA LEU D 8 21.72 27.95 -6.73
C LEU D 8 23.10 27.44 -6.30
N HIS D 9 23.22 27.07 -5.02
CA HIS D 9 24.45 26.48 -4.49
C HIS D 9 24.72 25.10 -5.08
N TRP D 10 23.66 24.35 -5.34
CA TRP D 10 23.76 23.05 -6.02
C TRP D 10 24.25 23.23 -7.45
N THR D 11 23.74 24.26 -8.13
CA THR D 11 24.18 24.59 -9.49
C THR D 11 25.63 25.05 -9.46
N GLY D 12 25.96 25.87 -8.46
CA GLY D 12 27.31 26.40 -8.28
C GLY D 12 28.37 25.33 -8.17
N GLU D 13 28.02 24.20 -7.56
CA GLU D 13 28.93 23.06 -7.42
C GLU D 13 29.16 22.36 -8.76
N ARG D 14 28.12 22.30 -9.59
CA ARG D 14 28.21 21.68 -10.91
C ARG D 14 28.98 22.57 -11.88
N VAL D 15 28.79 23.88 -11.75
CA VAL D 15 29.47 24.87 -12.59
C VAL D 15 30.98 24.82 -12.43
N VAL D 16 31.44 24.79 -11.17
CA VAL D 16 32.88 24.70 -10.88
C VAL D 16 33.44 23.31 -11.17
N SER D 17 32.58 22.29 -11.07
CA SER D 17 32.99 20.91 -11.32
C SER D 17 33.27 20.65 -12.80
N VAL D 18 32.43 21.20 -13.68
CA VAL D 18 32.65 21.09 -15.12
C VAL D 18 33.78 22.01 -15.58
N LEU D 19 33.98 23.10 -14.84
CA LEU D 19 35.07 24.04 -15.09
C LEU D 19 36.40 23.38 -14.74
N LEU D 20 36.46 22.76 -13.57
CA LEU D 20 37.65 22.03 -13.10
C LEU D 20 37.97 20.84 -14.00
N LEU D 21 36.93 20.19 -14.53
CA LEU D 21 37.08 19.11 -15.49
C LEU D 21 37.67 19.62 -16.80
N GLY D 22 37.30 20.85 -17.17
CA GLY D 22 37.81 21.50 -18.37
C GLY D 22 39.18 22.12 -18.20
N LEU D 23 39.60 22.29 -16.95
CA LEU D 23 40.88 22.96 -16.63
C LEU D 23 42.06 22.00 -16.46
N LEU D 24 41.80 20.72 -16.25
CA LEU D 24 42.87 19.72 -16.15
C LEU D 24 43.58 19.46 -17.49
N PRO D 25 42.82 19.36 -18.60
CA PRO D 25 43.51 19.25 -19.89
C PRO D 25 44.04 20.59 -20.39
N ALA D 26 43.40 21.69 -19.98
CA ALA D 26 43.78 23.04 -20.38
C ALA D 26 45.12 23.45 -19.76
N ALA D 27 45.33 23.06 -18.50
CA ALA D 27 46.58 23.34 -17.80
C ALA D 27 47.73 22.50 -18.34
N TYR D 28 47.40 21.32 -18.88
CA TYR D 28 48.37 20.44 -19.50
C TYR D 28 48.78 20.96 -20.88
N LEU D 29 47.80 21.36 -21.68
CA LEU D 29 48.04 21.82 -23.04
C LEU D 29 48.56 23.26 -23.11
N ASN D 30 48.10 24.10 -22.17
CA ASN D 30 48.51 25.50 -22.11
C ASN D 30 49.02 25.89 -20.72
N PRO D 31 50.23 25.44 -20.35
CA PRO D 31 50.75 25.73 -19.02
C PRO D 31 51.38 27.12 -18.93
N CYS D 32 50.70 28.01 -18.21
CA CYS D 32 51.16 29.39 -18.02
C CYS D 32 50.82 29.87 -16.61
N SER D 33 51.45 30.97 -16.19
CA SER D 33 51.24 31.52 -14.86
C SER D 33 49.88 32.18 -14.68
N ALA D 34 49.02 32.07 -15.69
CA ALA D 34 47.63 32.53 -15.60
C ALA D 34 46.68 31.36 -15.36
N MET D 35 47.03 30.21 -15.93
CA MET D 35 46.27 28.97 -15.73
C MET D 35 46.56 28.39 -14.35
N ASP D 36 47.70 28.77 -13.78
CA ASP D 36 48.11 28.38 -12.43
C ASP D 36 47.13 28.84 -11.36
N TYR D 37 46.72 30.10 -11.43
CA TYR D 37 45.82 30.69 -10.44
C TYR D 37 44.38 30.18 -10.56
N SER D 38 43.90 30.05 -11.80
CA SER D 38 42.55 29.55 -12.06
C SER D 38 42.35 28.13 -11.56
N LEU D 39 43.41 27.33 -11.64
CA LEU D 39 43.41 25.97 -11.11
C LEU D 39 43.33 25.97 -9.59
N ALA D 40 44.08 26.88 -8.97
CA ALA D 40 44.07 27.06 -7.51
C ALA D 40 42.72 27.55 -7.02
N ALA D 41 42.05 28.37 -7.84
CA ALA D 41 40.73 28.89 -7.54
C ALA D 41 39.66 27.80 -7.57
N ALA D 42 39.67 27.01 -8.65
CA ALA D 42 38.69 25.94 -8.84
C ALA D 42 38.93 24.75 -7.92
N LEU D 43 40.20 24.45 -7.67
CA LEU D 43 40.60 23.32 -6.84
C LEU D 43 40.17 23.49 -5.38
N THR D 44 40.21 24.73 -4.90
CA THR D 44 39.88 25.06 -3.51
C THR D 44 38.38 25.28 -3.30
N LEU D 45 37.71 25.81 -4.32
CA LEU D 45 36.27 26.10 -4.22
C LEU D 45 35.47 24.80 -4.27
N HIS D 46 35.80 23.94 -5.24
CA HIS D 46 35.20 22.62 -5.38
C HIS D 46 35.55 21.74 -4.16
N GLY D 47 36.75 21.96 -3.61
CA GLY D 47 37.19 21.26 -2.41
C GLY D 47 36.48 21.72 -1.15
N HIS D 48 36.19 23.03 -1.07
CA HIS D 48 35.48 23.60 0.07
C HIS D 48 34.00 23.18 0.07
N TRP D 49 33.37 23.25 -1.09
CA TRP D 49 31.99 22.77 -1.26
C TRP D 49 31.93 21.24 -1.25
N GLY D 50 33.07 20.60 -1.46
CA GLY D 50 33.19 19.15 -1.37
C GLY D 50 33.05 18.70 0.07
N ILE D 51 34.00 19.11 0.91
CA ILE D 51 33.99 18.78 2.33
C ILE D 51 32.77 19.40 3.04
N GLY D 52 32.21 20.45 2.44
CA GLY D 52 30.98 21.08 2.93
C GLY D 52 29.82 20.10 3.02
N GLN D 53 29.64 19.32 1.96
CA GLN D 53 28.59 18.29 1.91
C GLN D 53 28.86 17.18 2.92
N VAL D 54 30.14 16.84 3.09
CA VAL D 54 30.57 15.79 4.01
C VAL D 54 30.24 16.16 5.47
N VAL D 55 30.50 17.42 5.82
CA VAL D 55 30.24 17.91 7.17
C VAL D 55 28.74 17.97 7.46
N THR D 56 27.98 18.56 6.54
CA THR D 56 26.51 18.65 6.68
C THR D 56 25.82 17.28 6.66
N ASP D 57 26.57 16.24 6.33
CA ASP D 57 26.07 14.86 6.33
C ASP D 57 26.27 14.17 7.68
N TYR D 58 27.53 13.88 8.00
CA TYR D 58 27.87 13.03 9.15
C TYR D 58 27.80 13.75 10.49
N VAL D 59 28.27 14.99 10.53
CA VAL D 59 28.31 15.77 11.76
C VAL D 59 26.91 16.24 12.15
N ARG D 60 26.42 15.74 13.28
CA ARG D 60 25.12 16.15 13.82
C ARG D 60 25.33 16.92 15.10
N GLY D 61 24.79 18.15 15.15
CA GLY D 61 24.92 18.99 16.33
C GLY D 61 24.49 20.42 16.15
N ASP D 62 23.91 20.98 17.21
CA ASP D 62 23.54 22.40 17.26
C ASP D 62 24.80 23.26 17.38
N ALA D 63 25.76 22.79 18.16
CA ALA D 63 26.99 23.54 18.43
C ALA D 63 28.21 23.05 17.66
N LEU D 64 28.25 21.74 17.41
CA LEU D 64 29.39 21.10 16.76
C LEU D 64 29.45 21.39 15.25
N GLN D 65 28.28 21.63 14.66
CA GLN D 65 28.14 21.90 13.23
C GLN D 65 28.79 23.23 12.84
N LYS D 66 28.53 24.26 13.63
CA LYS D 66 29.03 25.62 13.37
C LYS D 66 30.57 25.71 13.42
N ALA D 67 31.16 25.02 14.39
CA ALA D 67 32.60 25.00 14.59
C ALA D 67 33.36 24.34 13.43
N ALA D 68 32.76 23.29 12.87
CA ALA D 68 33.32 22.59 11.72
C ALA D 68 33.22 23.43 10.46
N LYS D 69 32.10 24.13 10.29
CA LYS D 69 31.90 25.07 9.18
C LYS D 69 33.00 26.13 9.14
N ALA D 70 33.34 26.67 10.30
CA ALA D 70 34.39 27.68 10.43
C ALA D 70 35.79 27.05 10.38
N GLY D 71 35.95 25.90 11.02
CA GLY D 71 37.21 25.15 11.00
C GLY D 71 37.62 24.74 9.60
N LEU D 72 36.63 24.44 8.77
CA LEU D 72 36.84 24.15 7.35
C LEU D 72 37.12 25.42 6.56
N LEU D 73 36.37 26.48 6.85
CA LEU D 73 36.54 27.78 6.17
C LEU D 73 37.94 28.35 6.34
N ALA D 74 38.47 28.25 7.56
CA ALA D 74 39.83 28.68 7.85
C ALA D 74 40.85 27.84 7.09
N LEU D 75 40.63 26.53 7.08
CA LEU D 75 41.53 25.58 6.40
C LEU D 75 41.49 25.75 4.89
N SER D 76 40.33 26.16 4.36
CA SER D 76 40.18 26.44 2.93
C SER D 76 40.88 27.74 2.54
N ALA D 77 40.75 28.76 3.38
CA ALA D 77 41.40 30.05 3.17
C ALA D 77 42.92 29.89 3.22
N PHE D 78 43.39 29.13 4.21
CA PHE D 78 44.81 28.80 4.34
C PHE D 78 45.35 27.96 3.20
N THR D 79 44.47 27.18 2.56
CA THR D 79 44.84 26.38 1.40
C THR D 79 44.98 27.26 0.17
N PHE D 80 43.96 28.09 -0.10
CA PHE D 80 43.94 28.97 -1.27
C PHE D 80 45.02 30.05 -1.21
N ALA D 81 45.32 30.51 0.00
CA ALA D 81 46.37 31.51 0.22
C ALA D 81 47.76 30.95 -0.11
N GLY D 82 47.99 29.69 0.27
CA GLY D 82 49.26 29.03 0.04
C GLY D 82 49.54 28.74 -1.42
N LEU D 83 48.49 28.36 -2.15
CA LEU D 83 48.60 28.08 -3.58
C LEU D 83 48.86 29.34 -4.39
N CYS D 84 48.28 30.46 -3.97
CA CYS D 84 48.54 31.75 -4.61
C CYS D 84 49.94 32.27 -4.26
N TYR D 85 50.41 31.96 -3.05
CA TYR D 85 51.77 32.26 -2.64
C TYR D 85 52.75 31.41 -3.45
N PHE D 86 52.35 30.18 -3.74
CA PHE D 86 53.15 29.24 -4.51
C PHE D 86 53.27 29.66 -5.97
N ASN D 87 52.17 30.20 -6.51
CA ASN D 87 52.14 30.68 -7.89
C ASN D 87 52.82 32.05 -8.08
N TYR D 88 53.33 32.60 -6.99
CA TYR D 88 53.94 33.93 -6.99
C TYR D 88 55.42 33.87 -6.60
N HIS D 89 55.69 33.25 -5.45
CA HIS D 89 57.04 33.22 -4.87
C HIS D 89 57.76 31.89 -5.08
N ASP D 90 57.17 31.02 -5.90
CA ASP D 90 57.76 29.73 -6.21
C ASP D 90 57.46 29.28 -7.64
N VAL D 91 57.85 28.05 -7.93
CA VAL D 91 57.73 27.44 -9.27
C VAL D 91 56.31 27.56 -9.85
N GLY D 92 55.30 27.15 -9.09
CA GLY D 92 53.91 27.26 -9.51
C GLY D 92 53.32 25.95 -10.02
N ILE D 93 52.14 25.62 -9.53
CA ILE D 93 51.45 24.33 -9.78
C ILE D 93 51.81 23.64 -11.10
N CYS D 94 51.56 24.32 -12.22
CA CYS D 94 51.80 23.77 -13.56
C CYS D 94 53.24 23.27 -13.75
N LYS D 95 54.20 24.17 -13.57
CA LYS D 95 55.61 23.83 -13.70
C LYS D 95 56.09 22.94 -12.55
N ALA D 96 55.41 23.05 -11.40
CA ALA D 96 55.75 22.27 -10.21
C ALA D 96 55.46 20.77 -10.39
N VAL D 97 54.30 20.46 -10.96
CA VAL D 97 53.92 19.08 -11.27
C VAL D 97 54.85 18.53 -12.35
N ALA D 98 55.12 19.35 -13.36
CA ALA D 98 56.01 19.00 -14.46
C ALA D 98 57.41 18.59 -13.99
N MET D 99 57.92 19.29 -12.98
CA MET D 99 59.21 18.98 -12.37
C MET D 99 59.15 17.69 -11.56
N LEU D 100 58.06 17.49 -10.85
CA LEU D 100 57.85 16.32 -10.01
C LEU D 100 57.74 15.03 -10.83
N TRP D 101 57.19 15.16 -12.03
CA TRP D 101 56.92 13.99 -12.87
C TRP D 101 58.15 13.46 -13.60
N LYS D 102 59.08 14.35 -13.93
CA LYS D 102 60.36 13.91 -14.51
C LYS D 102 61.43 13.71 -13.43
N LEU D 103 61.01 13.12 -12.31
CA LEU D 103 61.91 12.78 -11.22
C LEU D 103 62.11 11.26 -11.15
PA FAD E . -11.56 -2.57 3.55
O1A FAD E . -10.94 -1.91 2.33
O2A FAD E . -11.78 -4.05 3.32
O5B FAD E . -10.59 -2.35 4.82
C5B FAD E . -11.03 -2.69 6.11
C4B FAD E . -10.68 -1.56 7.08
O4B FAD E . -11.30 -1.78 8.34
C3B FAD E . -9.18 -1.49 7.32
O3B FAD E . -8.76 -0.14 7.19
C2B FAD E . -8.99 -1.98 8.74
O2B FAD E . -7.97 -1.27 9.41
C1B FAD E . -10.34 -1.70 9.38
N9A FAD E . -10.64 -2.64 10.47
C8A FAD E . -11.03 -3.95 10.38
N7A FAD E . -11.20 -4.44 11.63
C5A FAD E . -10.91 -3.48 12.52
C6A FAD E . -10.91 -3.45 13.92
N6A FAD E . -10.84 -4.60 14.58
N1A FAD E . -10.57 -2.28 14.56
C2A FAD E . -10.21 -1.15 13.85
N3A FAD E . -10.21 -1.19 12.47
C4A FAD E . -10.56 -2.33 11.81
N1 FAD E . -14.35 -3.77 -5.86
C2 FAD E . -14.53 -3.05 -7.02
O2 FAD E . -15.50 -2.30 -7.12
N3 FAD E . -13.64 -3.19 -8.07
C4 FAD E . -12.55 -4.03 -7.93
O4 FAD E . -11.75 -4.16 -8.86
C4X FAD E . -12.37 -4.76 -6.76
N5 FAD E . -11.28 -5.62 -6.63
C5X FAD E . -11.10 -6.34 -5.46
C6 FAD E . -10.01 -7.19 -5.33
C7 FAD E . -9.82 -7.92 -4.16
C7M FAD E . -8.64 -8.84 -4.04
C8 FAD E . -10.74 -7.78 -3.11
C8M FAD E . -10.57 -8.56 -1.85
C9 FAD E . -11.83 -6.93 -3.23
C9A FAD E . -12.02 -6.20 -4.41
N10 FAD E . -13.10 -5.35 -4.55
C10 FAD E . -13.28 -4.62 -5.72
C1' FAD E . -14.07 -5.19 -3.41
C2' FAD E . -13.73 -3.90 -2.65
O2' FAD E . -12.63 -3.23 -3.24
C3' FAD E . -13.42 -4.09 -1.15
O3' FAD E . -13.53 -5.45 -0.78
C4' FAD E . -14.36 -3.22 -0.33
O4' FAD E . -14.39 -1.92 -0.86
C5' FAD E . -13.97 -3.16 1.14
O5' FAD E . -13.60 -1.83 1.48
P FAD E . -13.96 -1.18 2.90
O1P FAD E . -13.70 0.31 2.86
O2P FAD E . -15.39 -1.45 3.29
O3P FAD E . -12.94 -1.85 3.97
FE1 FES F . 3.53 -7.97 1.33
FE2 FES F . 0.83 -6.58 1.05
S1 FES F . 1.66 -8.01 2.49
S2 FES F . 2.85 -6.15 0.31
FE1 SF4 G . 7.34 3.31 -3.14
FE2 SF4 G . 8.39 1.15 -1.83
FE3 SF4 G . 9.11 1.66 -4.39
FE4 SF4 G . 9.97 3.30 -2.40
S1 SF4 G . 10.53 1.10 -2.67
S2 SF4 G . 9.12 3.96 -4.44
S3 SF4 G . 8.15 3.27 -0.99
S4 SF4 G . 7.01 1.10 -3.67
FE1 F3S H . 19.34 7.74 -1.13
FE3 F3S H . 19.40 7.28 -3.39
FE4 F3S H . 19.09 9.56 -3.28
S1 F3S H . 19.37 5.68 -1.91
S2 F3S H . 17.53 8.54 -2.11
S3 F3S H . 20.88 8.63 -2.41
S4 F3S H . 18.93 8.45 -5.18
CHA HEM I . 32.69 15.50 -4.93
CHB HEM I . 33.50 15.78 -9.69
CHC HEM I . 38.19 16.76 -8.82
CHD HEM I . 37.28 16.99 -4.06
C1A HEM I . 32.47 15.63 -6.28
C2A HEM I . 31.18 15.79 -6.95
C3A HEM I . 31.42 15.87 -8.27
C4A HEM I . 32.85 15.75 -8.47
CMA HEM I . 30.35 16.05 -9.38
CAA HEM I . 29.77 15.88 -6.30
CBA HEM I . 29.59 14.91 -5.13
CGA HEM I . 28.31 14.11 -5.28
O1A HEM I . 27.20 14.70 -5.23
O2A HEM I . 28.42 12.86 -5.44
C1B HEM I . 34.85 16.03 -9.89
C2B HEM I . 35.55 16.05 -11.16
C3B HEM I . 36.84 16.32 -10.91
C4B HEM I . 37.01 16.48 -9.48
CMB HEM I . 34.92 15.81 -12.55
CAB HEM I . 37.96 16.44 -11.97
CBB HEM I . 38.26 17.63 -12.49
C1C HEM I . 38.36 16.93 -7.47
C2C HEM I . 39.59 17.28 -6.79
C3C HEM I . 39.34 17.34 -5.47
C4C HEM I . 37.94 17.04 -5.27
CMC HEM I . 40.97 17.52 -7.47
CAC HEM I . 40.36 17.68 -4.36
CBC HEM I . 40.61 18.96 -4.05
C1D HEM I . 35.98 16.58 -3.82
C2D HEM I . 35.38 16.37 -2.53
C3D HEM I . 33.95 15.90 -2.79
C4D HEM I . 33.82 15.88 -4.23
CMD HEM I . 36.05 16.58 -1.15
CAD HEM I . 32.88 15.55 -1.72
CBD HEM I . 32.33 14.13 -1.87
CGD HEM I . 30.82 14.14 -1.85
O1D HEM I . 30.19 15.23 -1.81
O2D HEM I . 30.23 13.03 -1.84
NA HEM I . 33.46 15.61 -7.24
NB HEM I . 35.77 16.29 -8.89
NC HEM I . 37.37 16.80 -6.51
ND HEM I . 35.03 16.27 -4.80
FE HEM I . 35.40 16.29 -6.86
I 11J J . 25.58 9.91 3.04
N 11J J . 27.39 5.79 2.67
O 11J J . 27.52 7.61 4.01
C1 11J J . 26.92 9.28 1.56
C2 11J J . 27.69 8.00 1.69
C3 11J J . 28.57 7.65 0.67
C4 11J J . 28.71 8.48 -0.44
C5 11J J . 27.99 9.66 -0.57
C6 11J J . 27.11 10.06 0.43
C7 11J J . 27.54 7.11 2.89
C8 11J J . 27.75 4.79 3.50
C9 11J J . 27.30 3.50 3.22
C10 11J J . 27.65 2.42 4.06
C11 11J J . 28.44 2.66 5.17
C12 11J J . 28.91 3.95 5.46
C13 11J J . 28.55 5.01 4.63
C14 11J J . 27.16 1.03 3.76
C15 11J J . 28.06 -0.04 3.76
C16 11J J . 27.61 -1.33 3.49
C17 11J J . 26.26 -1.56 3.21
C18 11J J . 25.36 -0.49 3.21
C19 11J J . 25.81 0.80 3.48
#